data_6R4K
#
_entry.id   6R4K
#
_cell.length_a   146.725
_cell.length_b   146.725
_cell.length_c   140.055
_cell.angle_alpha   90.00
_cell.angle_beta   90.00
_cell.angle_gamma   90.00
#
_symmetry.space_group_name_H-M   'P 4 21 2'
#
loop_
_entity.id
_entity.type
_entity.pdbx_description
1 polymer 'Beta-glucosidase A'
2 non-polymer (2~{S},3~{S},4~{R})-2-[[4-[4-[2-[2-(2-azanylidenehydrazinyl)ethoxy]ethoxy]phenyl]-1,2,3-triazol-1-yl]methyl]pyrrolidine-3,4-diol
3 water water
#
_entity_poly.entity_id   1
_entity_poly.type   'polypeptide(L)'
_entity_poly.pdbx_seq_one_letter_code
;MTIFQFPQDFMWGTATAAYQIEGAYQEDGRGLSIWDTFAHTPGKVFNGDNGNVACDSYHRYEEDIRLMKELGIRTYRFSV
SWPRIFPNGDGEVNQKGLDYYHRVVDLLNDNGIEPFCTLYHWDLPQALQDAGGWGNRRTIQAFVQFAETMFREFHGKIQH
WLTFNEPWCIAFLSNMLGVHAPGLTNLQTAIDVGHHLLVAHGLSVRRFRELGTSGQIGIAPNVSWAVPYSTSEEDKAACA
RTISLHSDWFLQPIYQGSYPQFLVDWFAEQGATVPIQDGDMDIIGEPIDMIGINYYSMSVNRFNPEAGFLQSEEINMGLP
VTDIGWPVESRGLYEVLHYLQKYGNIDIYITENGACINDEVVNGKVQDDRRISYMQQHLVQVHRAIHDGLHVKGYMAWSL
LDNFEWAEGYSMRFGIIHVDFRTQVRTPKESYYWYRKVVGNNWLETRR
;
_entity_poly.pdbx_strand_id   A,B
#
# COMPACT_ATOMS: atom_id res chain seq x y z
N MET A 1 5.03 9.96 -15.42
CA MET A 1 5.75 8.69 -15.63
C MET A 1 4.94 7.67 -16.44
N THR A 2 3.65 7.44 -16.11
CA THR A 2 2.85 6.46 -16.86
C THR A 2 1.52 7.11 -17.18
N ILE A 3 1.06 6.87 -18.40
CA ILE A 3 -0.21 7.38 -18.90
C ILE A 3 -1.25 6.26 -18.81
N PHE A 4 -2.44 6.63 -18.33
CA PHE A 4 -3.56 5.74 -18.11
C PHE A 4 -4.72 6.31 -18.87
N GLN A 5 -5.08 5.64 -19.95
CA GLN A 5 -6.08 6.19 -20.84
C GLN A 5 -7.36 5.41 -20.64
N PHE A 6 -8.47 6.14 -20.63
CA PHE A 6 -9.77 5.57 -20.28
C PHE A 6 -10.69 5.35 -21.49
N PRO A 7 -11.66 4.43 -21.40
CA PRO A 7 -12.62 4.19 -22.45
C PRO A 7 -13.34 5.43 -22.93
N GLN A 8 -13.60 5.44 -24.22
CA GLN A 8 -14.22 6.59 -24.89
C GLN A 8 -15.53 7.02 -24.25
N ASP A 9 -16.38 6.10 -23.88
CA ASP A 9 -17.68 6.52 -23.34
C ASP A 9 -17.72 6.46 -21.82
N PHE A 10 -16.58 6.26 -21.18
CA PHE A 10 -16.47 6.27 -19.71
C PHE A 10 -17.16 7.52 -19.13
N MET A 11 -17.92 7.24 -18.11
CA MET A 11 -18.79 8.21 -17.46
C MET A 11 -18.06 8.75 -16.23
N TRP A 12 -17.65 10.00 -16.29
CA TRP A 12 -17.01 10.68 -15.17
C TRP A 12 -18.08 11.41 -14.39
N GLY A 13 -18.04 11.26 -13.07
CA GLY A 13 -19.00 12.04 -12.30
C GLY A 13 -18.54 12.50 -10.93
N THR A 14 -19.48 13.11 -10.21
CA THR A 14 -19.35 13.52 -8.82
C THR A 14 -20.65 13.09 -8.12
N ALA A 15 -20.66 13.04 -6.79
CA ALA A 15 -21.81 12.52 -6.07
C ALA A 15 -22.17 13.38 -4.86
N THR A 16 -23.48 13.47 -4.54
CA THR A 16 -23.95 14.07 -3.27
C THR A 16 -25.09 13.23 -2.68
N ALA A 17 -25.60 13.66 -1.52
CA ALA A 17 -26.84 13.14 -0.97
C ALA A 17 -27.64 14.32 -0.43
N ALA A 18 -28.96 14.17 -0.42
CA ALA A 18 -29.90 15.26 -0.13
C ALA A 18 -29.69 15.87 1.26
N TYR A 19 -29.70 15.05 2.32
CA TYR A 19 -29.58 15.63 3.66
C TYR A 19 -28.21 16.26 3.89
N GLN A 20 -27.16 15.78 3.20
CA GLN A 20 -25.84 16.35 3.42
C GLN A 20 -25.69 17.75 2.84
N ILE A 21 -26.45 18.09 1.81
CA ILE A 21 -26.21 19.35 1.10
C ILE A 21 -27.40 20.31 1.10
N GLU A 22 -28.63 19.80 1.18
CA GLU A 22 -29.78 20.60 0.77
C GLU A 22 -30.10 21.74 1.74
N GLY A 23 -30.16 21.45 3.04
CA GLY A 23 -30.70 22.46 3.93
C GLY A 23 -32.20 22.56 3.76
N ALA A 24 -32.72 23.77 3.95
CA ALA A 24 -34.15 24.04 3.86
C ALA A 24 -34.95 22.90 4.47
N TYR A 25 -34.55 22.49 5.67
CA TYR A 25 -35.08 21.27 6.26
C TYR A 25 -36.56 21.37 6.63
N GLN A 26 -37.11 22.58 6.75
CA GLN A 26 -38.52 22.79 7.07
C GLN A 26 -39.28 23.49 5.95
N GLU A 27 -38.69 23.60 4.78
CA GLU A 27 -39.23 24.44 3.73
C GLU A 27 -40.17 23.66 2.83
N ASP A 28 -41.20 24.35 2.34
CA ASP A 28 -42.09 23.83 1.30
C ASP A 28 -42.74 22.52 1.74
N GLY A 29 -43.07 22.44 3.03
CA GLY A 29 -43.79 21.30 3.53
C GLY A 29 -42.95 20.07 3.73
N ARG A 30 -41.63 20.18 3.65
CA ARG A 30 -40.80 19.01 3.90
C ARG A 30 -41.07 18.51 5.32
N GLY A 31 -41.22 17.14 5.43
CA GLY A 31 -41.37 16.49 6.70
C GLY A 31 -40.06 16.04 7.29
N LEU A 32 -40.08 15.70 8.57
CA LEU A 32 -38.86 15.30 9.27
C LEU A 32 -38.40 13.90 8.88
N SER A 33 -37.08 13.72 8.84
CA SER A 33 -36.43 12.45 8.65
C SER A 33 -35.93 11.91 9.99
N ILE A 34 -35.56 10.63 9.99
CA ILE A 34 -34.89 10.02 11.13
C ILE A 34 -33.52 10.66 11.40
N TRP A 35 -32.94 11.33 10.40
CA TRP A 35 -31.65 12.00 10.59
C TRP A 35 -31.80 13.39 11.17
N ASP A 36 -32.85 14.12 10.77
CA ASP A 36 -33.18 15.36 11.47
C ASP A 36 -33.30 15.07 12.96
N THR A 37 -34.09 14.06 13.29
CA THR A 37 -34.30 13.66 14.67
C THR A 37 -32.97 13.30 15.35
N PHE A 38 -32.15 12.50 14.64
CA PHE A 38 -30.87 12.04 15.17
C PHE A 38 -29.89 13.19 15.35
N ALA A 39 -29.79 14.09 14.37
CA ALA A 39 -28.89 15.23 14.47
C ALA A 39 -29.37 16.26 15.49
N HIS A 40 -30.68 16.27 15.81
CA HIS A 40 -31.24 17.16 16.82
C HIS A 40 -31.20 16.56 18.21
N THR A 41 -30.60 15.41 18.38
CA THR A 41 -30.36 14.75 19.67
C THR A 41 -28.95 15.04 20.16
N PRO A 42 -28.81 15.56 21.37
CA PRO A 42 -27.47 15.83 21.91
C PRO A 42 -26.65 14.55 21.98
N GLY A 43 -25.37 14.67 21.61
CA GLY A 43 -24.43 13.59 21.78
C GLY A 43 -24.36 12.65 20.62
N LYS A 44 -25.27 12.78 19.65
CA LYS A 44 -25.31 11.87 18.52
C LYS A 44 -24.37 12.29 17.40
N VAL A 45 -24.29 13.58 17.11
CA VAL A 45 -23.46 14.11 16.04
C VAL A 45 -22.42 15.05 16.65
N PHE A 46 -21.19 14.94 16.16
CA PHE A 46 -20.09 15.74 16.67
C PHE A 46 -20.47 17.23 16.65
N ASN A 47 -20.16 17.92 17.76
CA ASN A 47 -20.31 19.37 17.91
C ASN A 47 -21.76 19.85 17.84
N GLY A 48 -22.73 18.93 17.90
CA GLY A 48 -24.11 19.31 17.71
C GLY A 48 -24.45 19.83 16.33
N ASP A 49 -23.64 19.49 15.34
CA ASP A 49 -23.98 19.80 13.95
C ASP A 49 -25.24 19.05 13.53
N ASN A 50 -25.96 19.64 12.60
CA ASN A 50 -27.15 19.09 11.98
C ASN A 50 -27.17 19.58 10.53
N GLY A 51 -28.14 19.08 9.75
CA GLY A 51 -28.32 19.46 8.36
C GLY A 51 -29.37 20.53 8.06
N ASN A 52 -29.75 21.34 9.05
CA ASN A 52 -30.79 22.35 8.85
C ASN A 52 -30.48 23.26 7.69
N VAL A 53 -29.23 23.66 7.59
CA VAL A 53 -28.77 24.60 6.58
C VAL A 53 -27.84 23.90 5.59
N ALA A 54 -26.87 23.14 6.10
CA ALA A 54 -25.88 22.43 5.31
C ALA A 54 -25.21 23.38 4.30
N CYS A 55 -25.27 23.00 3.01
CA CYS A 55 -24.74 23.79 1.90
C CYS A 55 -25.80 24.65 1.26
N ASP A 56 -27.03 24.64 1.79
CA ASP A 56 -28.14 25.43 1.24
C ASP A 56 -28.35 25.13 -0.25
N SER A 57 -28.11 23.88 -0.67
CA SER A 57 -28.27 23.53 -2.10
C SER A 57 -29.73 23.45 -2.54
N TYR A 58 -30.68 23.51 -1.59
CA TYR A 58 -32.07 23.70 -1.95
C TYR A 58 -32.30 25.03 -2.66
N HIS A 59 -31.50 26.05 -2.29
CA HIS A 59 -31.60 27.37 -2.89
C HIS A 59 -30.47 27.66 -3.89
N ARG A 60 -29.28 27.03 -3.73
CA ARG A 60 -28.08 27.40 -4.48
C ARG A 60 -27.69 26.38 -5.55
N TYR A 61 -28.59 25.47 -5.93
CA TYR A 61 -28.25 24.43 -6.89
C TYR A 61 -27.78 24.95 -8.25
N GLU A 62 -28.25 26.12 -8.67
CA GLU A 62 -27.85 26.65 -9.98
C GLU A 62 -26.36 26.95 -10.02
N GLU A 63 -25.81 27.48 -8.92
CA GLU A 63 -24.39 27.73 -8.83
C GLU A 63 -23.62 26.42 -8.88
N ASP A 64 -24.06 25.43 -8.12
CA ASP A 64 -23.42 24.11 -8.12
C ASP A 64 -23.42 23.46 -9.51
N ILE A 65 -24.51 23.64 -10.29
CA ILE A 65 -24.58 23.01 -11.61
C ILE A 65 -23.67 23.71 -12.63
N ARG A 66 -23.60 25.05 -12.54
CA ARG A 66 -22.66 25.82 -13.36
C ARG A 66 -21.20 25.37 -13.13
N LEU A 67 -20.85 25.11 -11.85
CA LEU A 67 -19.52 24.62 -11.51
C LEU A 67 -19.27 23.22 -12.06
N MET A 68 -20.33 22.41 -12.15
CA MET A 68 -20.20 21.05 -12.68
C MET A 68 -20.04 21.03 -14.19
N LYS A 69 -20.61 22.02 -14.87
CA LYS A 69 -20.43 22.18 -16.32
C LYS A 69 -19.00 22.60 -16.65
N GLU A 70 -18.44 23.53 -15.88
CA GLU A 70 -17.06 23.95 -16.06
C GLU A 70 -16.11 22.82 -15.69
N LEU A 71 -16.56 21.91 -14.83
CA LEU A 71 -15.73 20.76 -14.50
C LEU A 71 -15.66 19.79 -15.68
N GLY A 72 -16.64 19.85 -16.58
CA GLY A 72 -16.66 18.98 -17.74
C GLY A 72 -17.20 17.60 -17.42
N ILE A 73 -17.93 17.48 -16.32
CA ILE A 73 -18.40 16.18 -15.89
C ILE A 73 -19.56 15.70 -16.78
N ARG A 74 -19.72 14.38 -16.87
CA ARG A 74 -20.75 13.80 -17.73
C ARG A 74 -21.99 13.34 -16.98
N THR A 75 -21.88 13.11 -15.67
CA THR A 75 -22.98 12.65 -14.84
C THR A 75 -22.86 13.31 -13.46
N TYR A 76 -24.02 13.43 -12.80
CA TYR A 76 -24.12 13.91 -11.44
C TYR A 76 -25.04 12.98 -10.66
N ARG A 77 -24.51 12.33 -9.61
CA ARG A 77 -25.30 11.44 -8.75
C ARG A 77 -25.84 12.20 -7.54
N PHE A 78 -27.16 12.17 -7.35
CA PHE A 78 -27.83 12.84 -6.25
C PHE A 78 -28.91 11.93 -5.68
N SER A 79 -29.43 12.28 -4.52
CA SER A 79 -30.50 11.49 -3.92
C SER A 79 -31.73 12.39 -3.71
N VAL A 80 -32.91 11.74 -3.59
CA VAL A 80 -34.18 12.42 -3.40
C VAL A 80 -34.57 12.37 -1.93
N SER A 81 -34.86 13.53 -1.34
CA SER A 81 -35.36 13.59 0.03
C SER A 81 -36.78 13.02 0.05
N TRP A 82 -36.92 11.78 0.55
CA TRP A 82 -38.22 11.15 0.69
C TRP A 82 -39.22 12.05 1.40
N PRO A 83 -38.91 12.65 2.56
CA PRO A 83 -39.93 13.51 3.19
C PRO A 83 -40.18 14.83 2.46
N ARG A 84 -39.52 15.10 1.35
CA ARG A 84 -39.94 16.26 0.54
C ARG A 84 -41.06 15.87 -0.42
N ILE A 85 -41.13 14.59 -0.76
CA ILE A 85 -42.17 14.08 -1.63
C ILE A 85 -43.38 13.60 -0.83
N PHE A 86 -43.14 12.75 0.18
CA PHE A 86 -44.17 12.22 1.09
C PHE A 86 -43.78 12.56 2.52
N PRO A 87 -44.10 13.78 3.01
CA PRO A 87 -43.68 14.20 4.36
C PRO A 87 -43.96 13.17 5.46
N ASN A 88 -45.01 12.39 5.27
CA ASN A 88 -45.36 11.32 6.19
C ASN A 88 -45.14 9.92 5.64
N GLY A 89 -44.79 9.77 4.36
CA GLY A 89 -44.62 8.47 3.74
C GLY A 89 -45.93 7.76 3.46
N ASP A 90 -46.98 8.51 3.10
CA ASP A 90 -48.30 7.90 3.07
C ASP A 90 -49.26 8.47 2.03
N GLY A 91 -48.82 8.60 0.80
CA GLY A 91 -49.79 8.81 -0.24
C GLY A 91 -50.06 10.25 -0.60
N GLU A 92 -50.12 11.11 0.40
CA GLU A 92 -50.40 12.51 0.09
C GLU A 92 -49.06 13.14 -0.31
N VAL A 93 -48.92 13.41 -1.61
CA VAL A 93 -47.68 13.94 -2.15
C VAL A 93 -47.57 15.43 -1.83
N ASN A 94 -46.34 15.93 -1.89
CA ASN A 94 -46.04 17.35 -1.72
C ASN A 94 -45.52 17.76 -3.10
N GLN A 95 -46.35 18.47 -3.85
CA GLN A 95 -45.93 18.87 -5.20
C GLN A 95 -44.72 19.80 -5.14
N LYS A 96 -44.63 20.64 -4.10
CA LYS A 96 -43.46 21.50 -3.94
C LYS A 96 -42.19 20.65 -3.94
N GLY A 97 -42.21 19.56 -3.18
CA GLY A 97 -41.09 18.63 -3.17
C GLY A 97 -40.70 18.20 -4.57
N LEU A 98 -41.68 17.64 -5.30
CA LEU A 98 -41.45 17.24 -6.69
C LEU A 98 -40.96 18.41 -7.55
N ASP A 99 -41.52 19.61 -7.32
CA ASP A 99 -41.15 20.79 -8.11
C ASP A 99 -39.67 21.14 -7.97
N TYR A 100 -39.11 20.98 -6.76
CA TYR A 100 -37.70 21.27 -6.57
C TYR A 100 -36.84 20.40 -7.49
N TYR A 101 -37.02 19.07 -7.40
CA TYR A 101 -36.28 18.07 -8.17
C TYR A 101 -36.52 18.19 -9.67
N HIS A 102 -37.64 18.77 -10.09
CA HIS A 102 -37.83 19.00 -11.51
C HIS A 102 -36.94 20.14 -12.00
N ARG A 103 -36.76 21.17 -11.16
CA ARG A 103 -35.89 22.29 -11.53
C ARG A 103 -34.44 21.82 -11.58
N VAL A 104 -34.08 20.94 -10.67
CA VAL A 104 -32.73 20.38 -10.65
C VAL A 104 -32.46 19.61 -11.95
N VAL A 105 -33.26 18.56 -12.21
CA VAL A 105 -33.03 17.66 -13.35
C VAL A 105 -33.08 18.42 -14.69
N ASP A 106 -33.97 19.42 -14.81
CA ASP A 106 -34.05 20.16 -16.07
C ASP A 106 -32.78 20.94 -16.34
N LEU A 107 -32.22 21.59 -15.31
CA LEU A 107 -30.94 22.26 -15.45
C LEU A 107 -29.81 21.28 -15.77
N LEU A 108 -29.87 20.07 -15.20
CA LEU A 108 -28.85 19.05 -15.49
C LEU A 108 -28.88 18.63 -16.96
N ASN A 109 -30.08 18.29 -17.47
CA ASN A 109 -30.22 17.88 -18.86
C ASN A 109 -29.96 19.02 -19.81
N ASP A 110 -30.33 20.25 -19.44
CA ASP A 110 -30.05 21.35 -20.33
C ASP A 110 -28.55 21.63 -20.43
N ASN A 111 -27.73 21.20 -19.45
CA ASN A 111 -26.29 21.39 -19.45
C ASN A 111 -25.54 20.17 -19.95
N GLY A 112 -26.25 19.16 -20.44
CA GLY A 112 -25.61 17.93 -20.89
C GLY A 112 -25.13 16.99 -19.79
N ILE A 113 -25.68 17.11 -18.58
CA ILE A 113 -25.26 16.29 -17.45
C ILE A 113 -26.36 15.27 -17.14
N GLU A 114 -26.05 13.97 -17.27
CA GLU A 114 -27.02 12.89 -17.07
C GLU A 114 -27.32 12.69 -15.58
N PRO A 115 -28.57 12.85 -15.14
CA PRO A 115 -28.91 12.52 -13.74
C PRO A 115 -28.76 11.03 -13.43
N PHE A 116 -28.20 10.75 -12.24
CA PHE A 116 -28.00 9.41 -11.67
C PHE A 116 -28.69 9.43 -10.30
N CYS A 117 -29.94 8.96 -10.23
CA CYS A 117 -30.83 9.22 -9.10
C CYS A 117 -30.85 8.09 -8.08
N THR A 118 -30.36 8.37 -6.86
CA THR A 118 -30.48 7.48 -5.71
C THR A 118 -31.79 7.79 -4.99
N LEU A 119 -32.66 6.79 -4.87
CA LEU A 119 -33.95 6.98 -4.24
C LEU A 119 -33.84 7.05 -2.73
N TYR A 120 -33.09 6.13 -2.11
CA TYR A 120 -32.97 6.09 -0.65
C TYR A 120 -31.53 6.34 -0.20
N HIS A 121 -31.24 7.55 0.24
CA HIS A 121 -29.94 7.80 0.85
C HIS A 121 -30.17 8.22 2.29
N TRP A 122 -30.87 7.35 3.03
CA TRP A 122 -30.99 7.33 4.47
C TRP A 122 -32.00 8.27 5.14
N ASP A 123 -32.76 9.10 4.42
CA ASP A 123 -33.70 10.00 5.11
C ASP A 123 -35.11 9.41 5.18
N LEU A 124 -35.25 8.33 5.96
CA LEU A 124 -36.58 7.74 6.17
C LEU A 124 -37.46 8.74 6.91
N PRO A 125 -38.62 9.13 6.36
CA PRO A 125 -39.51 10.04 7.09
C PRO A 125 -39.73 9.52 8.51
N GLN A 126 -39.57 10.43 9.48
CA GLN A 126 -39.71 10.04 10.88
C GLN A 126 -41.07 9.43 11.14
N ALA A 127 -42.09 9.86 10.39
CA ALA A 127 -43.41 9.28 10.52
C ALA A 127 -43.39 7.76 10.42
N LEU A 128 -42.63 7.22 9.44
CA LEU A 128 -42.53 5.77 9.25
C LEU A 128 -41.69 5.10 10.32
N GLN A 129 -40.71 5.82 10.88
CA GLN A 129 -39.88 5.24 11.93
C GLN A 129 -40.67 5.03 13.21
N ASP A 130 -41.60 5.93 13.47
CA ASP A 130 -42.46 5.84 14.64
C ASP A 130 -43.18 4.49 14.69
N ALA A 131 -43.58 3.97 13.52
CA ALA A 131 -44.25 2.68 13.35
C ALA A 131 -43.26 1.51 13.28
N GLY A 132 -41.98 1.76 13.51
CA GLY A 132 -40.97 0.71 13.51
C GLY A 132 -39.97 0.86 12.39
N GLY A 133 -40.24 1.76 11.45
CA GLY A 133 -39.32 2.03 10.37
C GLY A 133 -39.11 0.79 9.54
N TRP A 134 -37.86 0.57 9.16
CA TRP A 134 -37.56 -0.57 8.32
C TRP A 134 -37.74 -1.88 9.06
N GLY A 135 -37.74 -1.87 10.38
CA GLY A 135 -38.06 -3.08 11.11
C GLY A 135 -39.50 -3.55 10.94
N ASN A 136 -40.30 -2.82 10.16
CA ASN A 136 -41.72 -3.06 9.99
C ASN A 136 -41.98 -3.14 8.49
N ARG A 137 -42.48 -4.30 8.05
CA ARG A 137 -42.77 -4.58 6.64
C ARG A 137 -43.75 -3.58 6.01
N ARG A 138 -44.40 -2.73 6.82
CA ARG A 138 -45.31 -1.73 6.29
C ARG A 138 -44.55 -0.66 5.49
N THR A 139 -43.32 -0.38 5.92
CA THR A 139 -42.47 0.61 5.24
C THR A 139 -42.15 0.18 3.82
N ILE A 140 -42.09 -1.13 3.59
CA ILE A 140 -41.90 -1.69 2.24
C ILE A 140 -42.90 -1.08 1.27
N GLN A 141 -44.19 -1.12 1.60
CA GLN A 141 -45.16 -0.58 0.65
C GLN A 141 -45.06 0.93 0.53
N ALA A 142 -44.76 1.63 1.64
CA ALA A 142 -44.58 3.08 1.58
C ALA A 142 -43.44 3.46 0.62
N PHE A 143 -42.34 2.70 0.63
CA PHE A 143 -41.22 3.01 -0.27
C PHE A 143 -41.59 2.73 -1.72
N VAL A 144 -42.26 1.59 -1.95
CA VAL A 144 -42.63 1.23 -3.32
C VAL A 144 -43.50 2.32 -3.93
N GLN A 145 -44.37 2.93 -3.10
CA GLN A 145 -45.15 4.05 -3.60
C GLN A 145 -44.29 5.27 -3.87
N PHE A 146 -43.32 5.54 -2.99
CA PHE A 146 -42.38 6.62 -3.21
C PHE A 146 -41.60 6.43 -4.51
N ALA A 147 -41.01 5.24 -4.70
CA ALA A 147 -40.26 4.95 -5.91
C ALA A 147 -41.16 5.07 -7.14
N GLU A 148 -42.37 4.53 -7.04
CA GLU A 148 -43.32 4.59 -8.15
C GLU A 148 -43.62 6.03 -8.52
N THR A 149 -43.83 6.88 -7.52
CA THR A 149 -44.07 8.30 -7.78
C THR A 149 -42.91 8.94 -8.56
N MET A 150 -41.68 8.58 -8.23
CA MET A 150 -40.52 9.12 -8.95
C MET A 150 -40.37 8.50 -10.34
N PHE A 151 -40.57 7.16 -10.45
CA PHE A 151 -40.46 6.48 -11.74
C PHE A 151 -41.41 7.10 -12.74
N ARG A 152 -42.59 7.50 -12.23
CA ARG A 152 -43.64 8.13 -13.03
C ARG A 152 -43.29 9.58 -13.34
N GLU A 153 -42.96 10.35 -12.29
CA GLU A 153 -42.78 11.79 -12.45
C GLU A 153 -41.57 12.15 -13.28
N PHE A 154 -40.53 11.34 -13.26
CA PHE A 154 -39.30 11.68 -13.99
C PHE A 154 -39.02 10.68 -15.10
N HIS A 155 -40.03 9.97 -15.58
CA HIS A 155 -39.83 9.09 -16.71
C HIS A 155 -39.42 9.92 -17.92
N GLY A 156 -38.35 9.50 -18.58
CA GLY A 156 -37.80 10.18 -19.73
C GLY A 156 -36.84 11.31 -19.41
N LYS A 157 -36.81 11.77 -18.15
CA LYS A 157 -35.83 12.74 -17.71
C LYS A 157 -34.63 12.12 -17.03
N ILE A 158 -34.78 10.92 -16.46
CA ILE A 158 -33.73 10.23 -15.74
C ILE A 158 -33.55 8.83 -16.34
N GLN A 159 -32.30 8.49 -16.69
CA GLN A 159 -31.99 7.23 -17.34
C GLN A 159 -31.17 6.28 -16.48
N HIS A 160 -30.78 6.70 -15.28
CA HIS A 160 -29.98 5.87 -14.38
C HIS A 160 -30.57 5.97 -12.97
N TRP A 161 -30.86 4.80 -12.40
CA TRP A 161 -31.57 4.68 -11.14
C TRP A 161 -30.86 3.69 -10.22
N LEU A 162 -30.88 4.02 -8.92
CA LEU A 162 -30.41 3.19 -7.82
C LEU A 162 -31.50 3.19 -6.76
N THR A 163 -31.80 2.02 -6.17
CA THR A 163 -32.84 1.97 -5.14
C THR A 163 -32.28 2.46 -3.80
N PHE A 164 -31.28 1.76 -3.29
CA PHE A 164 -30.74 2.01 -1.97
C PHE A 164 -29.23 2.24 -2.05
N ASN A 165 -28.76 3.17 -1.22
CA ASN A 165 -27.34 3.47 -1.06
C ASN A 165 -26.82 2.84 0.25
N GLU A 166 -25.84 1.91 0.14
CA GLU A 166 -25.09 1.30 1.23
C GLU A 166 -26.01 0.61 2.24
N PRO A 167 -26.59 -0.51 1.84
CA PRO A 167 -27.48 -1.27 2.75
C PRO A 167 -26.81 -1.69 4.06
N TRP A 168 -25.51 -2.02 4.04
CA TRP A 168 -24.82 -2.32 5.29
C TRP A 168 -24.90 -1.15 6.28
N CYS A 169 -24.88 0.10 5.78
CA CYS A 169 -24.97 1.24 6.68
C CYS A 169 -26.39 1.40 7.22
N ILE A 170 -27.38 1.29 6.34
CA ILE A 170 -28.78 1.38 6.73
C ILE A 170 -29.15 0.26 7.72
N ALA A 171 -28.61 -0.94 7.52
CA ALA A 171 -28.98 -2.07 8.36
C ALA A 171 -28.10 -2.15 9.61
N PHE A 172 -26.82 -2.43 9.42
CA PHE A 172 -25.95 -2.79 10.53
C PHE A 172 -25.29 -1.62 11.25
N LEU A 173 -24.88 -0.57 10.52
CA LEU A 173 -24.31 0.61 11.20
C LEU A 173 -25.38 1.34 11.99
N SER A 174 -26.61 1.39 11.47
CA SER A 174 -27.71 2.14 12.07
C SER A 174 -28.42 1.39 13.19
N ASN A 175 -28.57 0.06 13.06
CA ASN A 175 -29.41 -0.74 13.96
C ASN A 175 -28.69 -1.82 14.74
N MET A 176 -27.41 -2.09 14.46
CA MET A 176 -26.58 -2.97 15.27
C MET A 176 -25.56 -2.21 16.10
N LEU A 177 -24.85 -1.25 15.48
CA LEU A 177 -23.82 -0.47 16.16
C LEU A 177 -24.28 0.89 16.66
N GLY A 178 -25.47 1.35 16.27
CA GLY A 178 -26.02 2.57 16.80
C GLY A 178 -25.29 3.83 16.41
N VAL A 179 -24.47 3.78 15.36
CA VAL A 179 -23.65 4.95 14.99
C VAL A 179 -24.47 5.95 14.15
N HIS A 180 -25.38 5.48 13.31
CA HIS A 180 -26.21 6.33 12.47
C HIS A 180 -27.67 6.12 12.83
N ALA A 181 -28.49 7.08 12.41
CA ALA A 181 -29.92 7.04 12.67
C ALA A 181 -30.54 5.77 12.12
N PRO A 182 -31.45 5.10 12.88
CA PRO A 182 -32.04 5.59 14.14
C PRO A 182 -31.24 5.31 15.40
N GLY A 183 -30.07 4.69 15.29
CA GLY A 183 -29.20 4.49 16.44
C GLY A 183 -29.49 3.31 17.34
N LEU A 184 -29.92 2.17 16.78
CA LEU A 184 -30.23 0.99 17.57
C LEU A 184 -29.02 0.06 17.65
N THR A 185 -29.03 -0.83 18.67
CA THR A 185 -27.96 -1.80 18.95
C THR A 185 -28.60 -3.19 19.19
N ASN A 186 -29.25 -3.75 18.19
CA ASN A 186 -29.81 -5.08 18.32
C ASN A 186 -29.65 -5.79 16.99
N LEU A 187 -28.89 -6.90 16.99
CA LEU A 187 -28.62 -7.65 15.75
C LEU A 187 -29.91 -8.00 15.01
N GLN A 188 -30.91 -8.53 15.73
CA GLN A 188 -32.13 -8.96 15.07
C GLN A 188 -32.80 -7.81 14.32
N THR A 189 -32.81 -6.61 14.90
CA THR A 189 -33.37 -5.46 14.20
C THR A 189 -32.57 -5.16 12.94
N ALA A 190 -31.24 -5.22 13.04
CA ALA A 190 -30.40 -4.93 11.89
C ALA A 190 -30.70 -5.90 10.75
N ILE A 191 -30.82 -7.19 11.07
CA ILE A 191 -31.14 -8.21 10.07
C ILE A 191 -32.52 -7.98 9.47
N ASP A 192 -33.51 -7.62 10.31
CA ASP A 192 -34.85 -7.31 9.83
C ASP A 192 -34.83 -6.17 8.80
N VAL A 193 -34.17 -5.07 9.14
CA VAL A 193 -34.08 -3.88 8.29
C VAL A 193 -33.42 -4.23 6.94
N GLY A 194 -32.34 -5.01 6.98
CA GLY A 194 -31.73 -5.48 5.73
C GLY A 194 -32.69 -6.23 4.83
N HIS A 195 -33.47 -7.16 5.42
CA HIS A 195 -34.39 -7.98 4.62
C HIS A 195 -35.50 -7.15 4.02
N HIS A 196 -36.12 -6.28 4.82
CA HIS A 196 -37.18 -5.42 4.30
C HIS A 196 -36.64 -4.45 3.25
N LEU A 197 -35.35 -4.10 3.36
CA LEU A 197 -34.70 -3.29 2.34
C LEU A 197 -34.57 -4.05 1.02
N LEU A 198 -34.19 -5.34 1.10
CA LEU A 198 -34.06 -6.15 -0.11
C LEU A 198 -35.43 -6.37 -0.77
N VAL A 199 -36.47 -6.56 0.04
CA VAL A 199 -37.80 -6.72 -0.55
C VAL A 199 -38.29 -5.43 -1.19
N ALA A 200 -38.11 -4.28 -0.52
CA ALA A 200 -38.54 -3.02 -1.10
C ALA A 200 -37.77 -2.72 -2.40
N HIS A 201 -36.51 -3.18 -2.48
CA HIS A 201 -35.71 -3.06 -3.69
C HIS A 201 -36.31 -3.91 -4.83
N GLY A 202 -36.59 -5.18 -4.54
CA GLY A 202 -37.19 -6.07 -5.53
C GLY A 202 -38.48 -5.51 -6.12
N LEU A 203 -39.39 -5.09 -5.24
CA LEU A 203 -40.70 -4.62 -5.67
C LEU A 203 -40.61 -3.34 -6.50
N SER A 204 -39.61 -2.50 -6.22
CA SER A 204 -39.42 -1.26 -6.98
C SER A 204 -38.82 -1.50 -8.38
N VAL A 205 -37.93 -2.51 -8.52
CA VAL A 205 -37.42 -2.83 -9.84
C VAL A 205 -38.54 -3.41 -10.68
N ARG A 206 -39.31 -4.32 -10.10
CA ARG A 206 -40.48 -4.86 -10.76
C ARG A 206 -41.38 -3.75 -11.28
N ARG A 207 -41.79 -2.83 -10.40
CA ARG A 207 -42.62 -1.70 -10.83
C ARG A 207 -41.95 -0.96 -11.99
N PHE A 208 -40.63 -0.73 -11.87
CA PHE A 208 -39.83 -0.08 -12.92
C PHE A 208 -40.03 -0.77 -14.24
N ARG A 209 -39.88 -2.10 -14.25
CA ARG A 209 -40.13 -2.91 -15.45
C ARG A 209 -41.56 -2.72 -15.95
N GLU A 210 -42.55 -3.00 -15.09
CA GLU A 210 -43.97 -2.90 -15.48
C GLU A 210 -44.36 -1.49 -15.89
N LEU A 211 -43.64 -0.47 -15.42
CA LEU A 211 -44.00 0.88 -15.84
C LEU A 211 -43.33 1.22 -17.16
N GLY A 212 -42.45 0.36 -17.64
CA GLY A 212 -41.66 0.65 -18.82
C GLY A 212 -40.81 1.89 -18.65
N THR A 213 -40.35 2.16 -17.41
CA THR A 213 -39.64 3.40 -17.13
C THR A 213 -38.34 3.49 -17.92
N SER A 214 -37.97 4.71 -18.27
CA SER A 214 -36.79 4.92 -19.10
C SER A 214 -35.51 4.57 -18.34
N GLY A 215 -34.60 3.88 -18.99
CA GLY A 215 -33.27 3.72 -18.46
C GLY A 215 -33.01 2.38 -17.80
N GLN A 216 -32.03 2.40 -16.91
CA GLN A 216 -31.61 1.21 -16.19
C GLN A 216 -31.60 1.46 -14.68
N ILE A 217 -31.64 0.37 -13.94
CA ILE A 217 -31.85 0.43 -12.49
C ILE A 217 -30.97 -0.64 -11.83
N GLY A 218 -30.41 -0.29 -10.66
CA GLY A 218 -29.62 -1.19 -9.85
C GLY A 218 -29.57 -0.80 -8.38
N ILE A 219 -28.56 -1.29 -7.65
CA ILE A 219 -28.38 -0.99 -6.22
C ILE A 219 -26.90 -0.70 -5.98
N ALA A 220 -26.60 0.11 -4.93
CA ALA A 220 -25.26 0.64 -4.69
C ALA A 220 -24.70 0.30 -3.31
N PRO A 221 -24.22 -0.93 -3.09
CA PRO A 221 -23.58 -1.30 -1.81
C PRO A 221 -22.21 -0.66 -1.59
N ASN A 222 -21.89 -0.39 -0.32
CA ASN A 222 -20.50 -0.10 0.05
C ASN A 222 -19.81 -1.41 0.30
N VAL A 223 -18.57 -1.49 -0.17
CA VAL A 223 -17.87 -2.75 -0.28
C VAL A 223 -16.69 -2.72 0.67
N SER A 224 -16.54 -3.81 1.40
CA SER A 224 -15.46 -4.02 2.34
C SER A 224 -14.41 -4.89 1.65
N TRP A 225 -13.16 -4.67 1.99
CA TRP A 225 -12.11 -5.59 1.59
C TRP A 225 -11.18 -5.71 2.78
N ALA A 226 -11.02 -6.92 3.28
CA ALA A 226 -10.13 -7.19 4.39
C ALA A 226 -9.22 -8.33 3.97
N VAL A 227 -7.99 -8.26 4.44
CA VAL A 227 -6.96 -9.20 4.05
C VAL A 227 -6.43 -9.76 5.36
N PRO A 228 -6.17 -11.08 5.45
CA PRO A 228 -5.83 -11.67 6.76
C PRO A 228 -4.43 -11.31 7.22
N TYR A 229 -4.31 -11.11 8.53
CA TYR A 229 -2.99 -10.90 9.09
C TYR A 229 -2.13 -12.15 8.95
N SER A 230 -2.62 -13.30 9.46
CA SER A 230 -1.92 -14.57 9.37
C SER A 230 -2.49 -15.50 8.29
N THR A 231 -1.81 -16.63 8.09
CA THR A 231 -2.24 -17.67 7.16
C THR A 231 -3.32 -18.56 7.76
N SER A 232 -3.67 -18.34 9.03
CA SER A 232 -4.67 -19.14 9.70
C SER A 232 -6.02 -19.10 8.98
N GLU A 233 -6.76 -20.22 9.09
CA GLU A 233 -8.13 -20.30 8.61
C GLU A 233 -9.07 -19.41 9.43
N GLU A 234 -8.73 -19.17 10.70
CA GLU A 234 -9.51 -18.27 11.57
C GLU A 234 -9.46 -16.82 11.07
N ASP A 235 -8.25 -16.34 10.75
CA ASP A 235 -8.11 -14.99 10.23
C ASP A 235 -8.76 -14.88 8.87
N LYS A 236 -8.69 -15.94 8.08
CA LYS A 236 -9.33 -15.94 6.78
C LYS A 236 -10.84 -15.95 6.92
N ALA A 237 -11.37 -16.66 7.91
CA ALA A 237 -12.80 -16.61 8.17
C ALA A 237 -13.23 -15.23 8.62
N ALA A 238 -12.45 -14.61 9.50
CA ALA A 238 -12.79 -13.29 10.00
C ALA A 238 -12.84 -12.27 8.86
N CYS A 239 -11.95 -12.40 7.88
CA CYS A 239 -11.97 -11.48 6.73
C CYS A 239 -13.17 -11.77 5.83
N ALA A 240 -13.50 -13.06 5.65
CA ALA A 240 -14.67 -13.42 4.86
C ALA A 240 -15.96 -12.87 5.46
N ARG A 241 -16.06 -12.88 6.80
CA ARG A 241 -17.24 -12.34 7.46
C ARG A 241 -17.35 -10.84 7.22
N THR A 242 -16.26 -10.11 7.50
CA THR A 242 -16.19 -8.68 7.24
C THR A 242 -16.52 -8.36 5.78
N ILE A 243 -15.87 -9.07 4.83
CA ILE A 243 -16.11 -8.79 3.42
C ILE A 243 -17.56 -9.09 3.05
N SER A 244 -18.06 -10.28 3.44
CA SER A 244 -19.36 -10.75 2.92
C SER A 244 -20.55 -9.99 3.51
N LEU A 245 -20.44 -9.49 4.74
CA LEU A 245 -21.57 -8.78 5.33
C LEU A 245 -21.82 -7.45 4.62
N HIS A 246 -20.76 -6.85 4.05
CA HIS A 246 -20.92 -5.59 3.33
C HIS A 246 -21.56 -5.79 1.96
N SER A 247 -21.10 -6.79 1.19
CA SER A 247 -21.53 -6.97 -0.20
C SER A 247 -22.34 -8.24 -0.45
N ASP A 248 -21.76 -9.41 -0.14
CA ASP A 248 -22.42 -10.68 -0.38
C ASP A 248 -23.81 -10.77 0.27
N TRP A 249 -23.91 -10.33 1.53
CA TRP A 249 -25.18 -10.37 2.24
C TRP A 249 -26.34 -9.78 1.44
N PHE A 250 -26.07 -8.73 0.67
CA PHE A 250 -27.12 -8.10 -0.13
C PHE A 250 -27.14 -8.55 -1.61
N LEU A 251 -25.97 -8.90 -2.19
CA LEU A 251 -25.84 -9.25 -3.61
C LEU A 251 -26.12 -10.73 -3.91
N GLN A 252 -25.81 -11.62 -2.96
CA GLN A 252 -26.07 -13.03 -3.18
C GLN A 252 -27.57 -13.27 -3.23
N PRO A 253 -28.38 -12.65 -2.34
CA PRO A 253 -29.84 -12.68 -2.58
C PRO A 253 -30.25 -12.15 -3.95
N ILE A 254 -29.71 -11.03 -4.38
CA ILE A 254 -30.17 -10.41 -5.62
C ILE A 254 -29.76 -11.21 -6.84
N TYR A 255 -28.55 -11.77 -6.83
CA TYR A 255 -28.04 -12.47 -7.99
C TYR A 255 -28.18 -13.97 -7.91
N GLN A 256 -28.08 -14.55 -6.71
CA GLN A 256 -27.99 -15.99 -6.54
C GLN A 256 -29.15 -16.54 -5.72
N GLY A 257 -30.09 -15.67 -5.33
CA GLY A 257 -31.34 -16.02 -4.65
C GLY A 257 -31.23 -16.59 -3.25
N SER A 258 -30.13 -16.34 -2.55
CA SER A 258 -29.90 -16.87 -1.21
C SER A 258 -29.00 -15.91 -0.45
N TYR A 259 -29.14 -15.89 0.92
CA TYR A 259 -28.20 -15.21 1.79
C TYR A 259 -26.94 -16.04 1.93
N PRO A 260 -25.79 -15.40 2.18
CA PRO A 260 -24.56 -16.14 2.48
C PRO A 260 -24.73 -17.08 3.67
N GLN A 261 -24.64 -18.39 3.41
CA GLN A 261 -24.97 -19.36 4.45
C GLN A 261 -24.05 -19.28 5.66
N PHE A 262 -22.76 -19.02 5.46
CA PHE A 262 -21.86 -19.00 6.61
C PHE A 262 -22.17 -17.83 7.55
N LEU A 263 -22.77 -16.74 7.03
CA LEU A 263 -23.14 -15.64 7.93
C LEU A 263 -24.48 -15.94 8.60
N VAL A 264 -25.41 -16.52 7.86
CA VAL A 264 -26.65 -17.06 8.41
C VAL A 264 -26.36 -17.96 9.61
N ASP A 265 -25.44 -18.91 9.42
CA ASP A 265 -25.04 -19.79 10.53
C ASP A 265 -24.47 -18.99 11.69
N TRP A 266 -23.62 -18.00 11.40
CA TRP A 266 -22.98 -17.19 12.43
C TRP A 266 -24.01 -16.43 13.30
N PHE A 267 -24.96 -15.75 12.65
CA PHE A 267 -25.98 -14.99 13.37
C PHE A 267 -26.92 -15.93 14.13
N ALA A 268 -27.16 -17.10 13.56
CA ALA A 268 -28.05 -18.07 14.22
C ALA A 268 -27.51 -18.46 15.58
N GLU A 269 -26.18 -18.45 15.76
CA GLU A 269 -25.59 -18.75 17.06
C GLU A 269 -25.63 -17.54 17.98
N GLN A 270 -26.02 -16.39 17.46
CA GLN A 270 -26.27 -15.20 18.25
C GLN A 270 -27.76 -14.96 18.47
N GLY A 271 -28.59 -15.91 18.04
CA GLY A 271 -30.03 -15.87 18.26
C GLY A 271 -30.82 -15.05 17.28
N ALA A 272 -30.24 -14.74 16.12
CA ALA A 272 -30.93 -13.95 15.11
C ALA A 272 -31.17 -14.79 13.87
N THR A 273 -32.31 -14.56 13.24
CA THR A 273 -32.73 -15.22 12.01
C THR A 273 -33.26 -14.16 11.05
N VAL A 274 -33.07 -14.40 9.76
CA VAL A 274 -33.61 -13.50 8.74
C VAL A 274 -35.12 -13.73 8.67
N PRO A 275 -35.95 -12.68 8.78
CA PRO A 275 -37.40 -12.88 8.70
C PRO A 275 -37.93 -13.07 7.27
N ILE A 276 -37.47 -14.14 6.60
CA ILE A 276 -37.87 -14.39 5.21
C ILE A 276 -39.29 -14.96 5.17
N GLN A 277 -40.14 -14.32 4.40
CA GLN A 277 -41.47 -14.79 4.14
C GLN A 277 -41.54 -15.29 2.70
N ASP A 278 -42.67 -15.96 2.45
CA ASP A 278 -42.87 -16.76 1.25
C ASP A 278 -43.00 -15.81 0.04
N GLY A 279 -42.20 -16.05 -1.01
CA GLY A 279 -42.13 -15.11 -2.13
C GLY A 279 -41.09 -14.00 -2.01
N ASP A 280 -40.49 -13.81 -0.82
CA ASP A 280 -39.53 -12.73 -0.58
C ASP A 280 -38.28 -12.88 -1.46
N MET A 281 -37.59 -14.02 -1.32
CA MET A 281 -36.40 -14.29 -2.12
C MET A 281 -36.67 -14.13 -3.62
N ASP A 282 -37.91 -14.42 -4.04
CA ASP A 282 -38.32 -14.27 -5.44
C ASP A 282 -38.40 -12.81 -5.85
N ILE A 283 -38.81 -11.97 -4.89
CA ILE A 283 -38.90 -10.53 -5.10
C ILE A 283 -37.50 -9.93 -5.18
N ILE A 284 -36.62 -10.33 -4.26
CA ILE A 284 -35.25 -9.83 -4.19
C ILE A 284 -34.46 -10.17 -5.46
N GLY A 285 -34.71 -11.33 -6.07
CA GLY A 285 -33.99 -11.77 -7.25
C GLY A 285 -34.43 -11.13 -8.54
N GLU A 286 -35.25 -10.10 -8.51
CA GLU A 286 -35.59 -9.37 -9.72
C GLU A 286 -34.31 -8.91 -10.44
N PRO A 287 -34.19 -9.12 -11.74
CA PRO A 287 -32.93 -8.80 -12.44
C PRO A 287 -32.60 -7.31 -12.44
N ILE A 288 -31.32 -6.99 -12.24
CA ILE A 288 -30.91 -5.59 -12.30
C ILE A 288 -29.89 -5.40 -13.41
N ASP A 289 -29.86 -4.16 -13.91
CA ASP A 289 -29.09 -3.81 -15.09
C ASP A 289 -27.62 -3.53 -14.77
N MET A 290 -27.32 -3.20 -13.51
CA MET A 290 -25.98 -2.86 -13.07
C MET A 290 -26.01 -2.70 -11.56
N ILE A 291 -24.82 -2.55 -10.98
CA ILE A 291 -24.64 -2.19 -9.58
C ILE A 291 -23.66 -1.01 -9.50
N GLY A 292 -23.80 -0.24 -8.42
CA GLY A 292 -22.78 0.71 -8.00
C GLY A 292 -22.04 0.18 -6.80
N ILE A 293 -20.74 0.43 -6.75
CA ILE A 293 -19.91 0.06 -5.59
C ILE A 293 -19.26 1.33 -5.03
N ASN A 294 -19.23 1.43 -3.70
CA ASN A 294 -18.62 2.54 -2.97
C ASN A 294 -17.38 2.03 -2.24
N TYR A 295 -16.22 2.64 -2.53
CA TYR A 295 -14.94 2.18 -2.00
C TYR A 295 -14.16 3.34 -1.38
N TYR A 296 -13.57 3.11 -0.22
CA TYR A 296 -12.73 4.12 0.43
C TYR A 296 -11.41 3.56 0.94
N SER A 297 -11.45 2.40 1.60
CA SER A 297 -10.30 1.90 2.33
C SER A 297 -10.39 0.39 2.37
N MET A 298 -9.31 -0.23 2.84
CA MET A 298 -9.26 -1.67 3.04
C MET A 298 -8.51 -1.92 4.34
N SER A 299 -8.62 -3.13 4.86
CA SER A 299 -8.05 -3.40 6.16
C SER A 299 -7.34 -4.73 6.15
N VAL A 300 -6.45 -4.89 7.11
CA VAL A 300 -5.83 -6.16 7.43
C VAL A 300 -6.45 -6.58 8.76
N ASN A 301 -7.17 -7.71 8.75
CA ASN A 301 -7.95 -8.19 9.89
C ASN A 301 -7.44 -9.53 10.40
N ARG A 302 -7.72 -9.81 11.67
CA ARG A 302 -7.53 -11.13 12.25
C ARG A 302 -8.73 -11.48 13.13
N PHE A 303 -8.82 -12.76 13.47
CA PHE A 303 -9.90 -13.21 14.32
C PHE A 303 -9.62 -12.83 15.78
N ASN A 304 -10.62 -12.23 16.42
CA ASN A 304 -10.59 -11.93 17.85
C ASN A 304 -11.98 -12.08 18.44
N PRO A 305 -12.16 -12.93 19.46
CA PRO A 305 -13.51 -13.18 19.98
C PRO A 305 -14.19 -11.95 20.58
N GLU A 306 -13.41 -10.99 21.08
CA GLU A 306 -13.92 -9.77 21.68
C GLU A 306 -14.12 -8.63 20.69
N ALA A 307 -13.89 -8.85 19.40
CA ALA A 307 -13.88 -7.78 18.41
C ALA A 307 -15.23 -7.66 17.69
N GLY A 308 -16.23 -7.30 18.48
CA GLY A 308 -17.54 -7.04 17.91
C GLY A 308 -18.24 -8.33 17.54
N PHE A 309 -19.40 -8.15 16.91
CA PHE A 309 -20.29 -9.27 16.65
C PHE A 309 -19.83 -10.16 15.50
N LEU A 310 -18.82 -9.73 14.74
CA LEU A 310 -18.21 -10.51 13.67
C LEU A 310 -16.90 -11.13 14.11
N GLN A 311 -16.47 -10.84 15.34
CA GLN A 311 -15.20 -11.32 15.90
C GLN A 311 -14.10 -11.21 14.86
N SER A 312 -13.96 -9.99 14.35
CA SER A 312 -13.02 -9.62 13.27
C SER A 312 -12.36 -8.32 13.72
N GLU A 313 -11.09 -8.40 14.07
CA GLU A 313 -10.33 -7.24 14.54
C GLU A 313 -9.41 -6.68 13.45
N GLU A 314 -9.48 -5.36 13.23
CA GLU A 314 -8.58 -4.67 12.32
C GLU A 314 -7.27 -4.27 13.00
N ILE A 315 -6.17 -4.51 12.28
CA ILE A 315 -4.83 -4.22 12.73
C ILE A 315 -4.38 -2.89 12.12
N ASN A 316 -3.83 -2.00 12.96
CA ASN A 316 -3.15 -0.78 12.51
C ASN A 316 -1.78 -1.15 11.96
N MET A 317 -1.64 -1.20 10.64
CA MET A 317 -0.36 -1.58 10.03
C MET A 317 0.60 -0.39 9.89
N GLY A 318 0.23 0.79 10.39
CA GLY A 318 1.12 1.94 10.29
C GLY A 318 1.01 2.73 9.01
N LEU A 319 0.07 2.41 8.11
CA LEU A 319 -0.09 3.13 6.85
C LEU A 319 -0.56 4.57 7.10
N PRO A 320 -0.23 5.49 6.20
CA PRO A 320 -0.83 6.83 6.27
C PRO A 320 -2.35 6.80 6.14
N VAL A 321 -3.00 7.73 6.83
CA VAL A 321 -4.45 7.79 6.96
C VAL A 321 -4.93 9.15 6.48
N THR A 322 -6.17 9.18 5.98
CA THR A 322 -6.82 10.44 5.65
C THR A 322 -7.15 11.17 6.95
N ASP A 323 -7.75 12.35 6.83
CA ASP A 323 -7.98 13.16 8.02
C ASP A 323 -9.13 12.64 8.89
N ILE A 324 -9.86 11.64 8.40
CA ILE A 324 -10.84 10.90 9.16
C ILE A 324 -10.30 9.58 9.68
N GLY A 325 -9.05 9.25 9.35
CA GLY A 325 -8.38 8.12 9.94
C GLY A 325 -8.38 6.86 9.14
N TRP A 326 -8.82 6.92 7.92
CA TRP A 326 -8.87 5.69 7.14
C TRP A 326 -7.56 5.54 6.36
N PRO A 327 -6.92 4.37 6.43
CA PRO A 327 -5.68 4.16 5.66
C PRO A 327 -5.92 4.16 4.15
N VAL A 328 -4.93 4.66 3.41
CA VAL A 328 -4.96 4.74 1.96
C VAL A 328 -4.25 3.50 1.43
N GLU A 329 -5.01 2.61 0.80
CA GLU A 329 -4.49 1.39 0.15
C GLU A 329 -5.39 1.10 -1.05
N SER A 330 -5.00 1.65 -2.23
CA SER A 330 -5.87 1.63 -3.39
C SER A 330 -6.04 0.24 -4.00
N ARG A 331 -5.17 -0.73 -3.66
CA ARG A 331 -5.24 -2.04 -4.31
C ARG A 331 -6.53 -2.78 -3.97
N GLY A 332 -7.13 -2.47 -2.82
CA GLY A 332 -8.37 -3.11 -2.43
C GLY A 332 -9.50 -2.90 -3.41
N LEU A 333 -9.52 -1.74 -4.07
CA LEU A 333 -10.54 -1.49 -5.08
C LEU A 333 -10.39 -2.45 -6.27
N TYR A 334 -9.16 -2.78 -6.67
CA TYR A 334 -8.91 -3.75 -7.73
C TYR A 334 -9.27 -5.17 -7.30
N GLU A 335 -8.84 -5.56 -6.09
CA GLU A 335 -9.12 -6.89 -5.56
C GLU A 335 -10.63 -7.15 -5.50
N VAL A 336 -11.38 -6.20 -4.94
CA VAL A 336 -12.80 -6.38 -4.74
C VAL A 336 -13.54 -6.34 -6.07
N LEU A 337 -13.01 -5.62 -7.06
CA LEU A 337 -13.65 -5.62 -8.37
C LEU A 337 -13.56 -7.01 -9.02
N HIS A 338 -12.42 -7.68 -8.84
CA HIS A 338 -12.24 -9.06 -9.28
C HIS A 338 -13.07 -10.04 -8.45
N TYR A 339 -13.14 -9.82 -7.13
CA TYR A 339 -13.96 -10.64 -6.23
C TYR A 339 -15.42 -10.69 -6.68
N LEU A 340 -15.98 -9.56 -7.09
CA LEU A 340 -17.38 -9.47 -7.47
C LEU A 340 -17.70 -10.10 -8.81
N GLN A 341 -16.70 -10.61 -9.54
CA GLN A 341 -17.00 -11.34 -10.77
C GLN A 341 -17.69 -12.65 -10.48
N LYS A 342 -17.69 -13.09 -9.21
CA LYS A 342 -18.46 -14.25 -8.78
C LYS A 342 -19.94 -14.09 -9.09
N TYR A 343 -20.41 -12.85 -9.29
CA TYR A 343 -21.75 -12.57 -9.77
C TYR A 343 -21.79 -12.33 -11.27
N GLY A 344 -20.69 -12.60 -11.96
CA GLY A 344 -20.58 -12.34 -13.37
C GLY A 344 -19.88 -11.04 -13.66
N ASN A 345 -19.59 -10.86 -14.93
CA ASN A 345 -19.04 -9.60 -15.42
C ASN A 345 -20.20 -8.61 -15.59
N ILE A 346 -20.78 -8.26 -14.45
CA ILE A 346 -21.92 -7.33 -14.41
C ILE A 346 -21.40 -5.91 -14.67
N ASP A 347 -22.29 -5.04 -15.15
CA ASP A 347 -21.94 -3.64 -15.26
C ASP A 347 -21.77 -3.04 -13.87
N ILE A 348 -20.65 -2.35 -13.65
CA ILE A 348 -20.29 -1.76 -12.37
C ILE A 348 -19.98 -0.28 -12.55
N TYR A 349 -20.64 0.58 -11.76
CA TYR A 349 -20.27 1.98 -11.65
C TYR A 349 -19.57 2.21 -10.31
N ILE A 350 -18.53 3.04 -10.30
CA ILE A 350 -17.91 3.49 -9.05
C ILE A 350 -18.70 4.72 -8.62
N THR A 351 -19.69 4.50 -7.74
CA THR A 351 -20.63 5.55 -7.36
C THR A 351 -20.13 6.48 -6.24
N GLU A 352 -19.11 6.07 -5.46
CA GLU A 352 -18.42 6.92 -4.48
C GLU A 352 -16.97 6.49 -4.34
N ASN A 353 -16.06 7.45 -4.40
CA ASN A 353 -14.65 7.25 -4.06
C ASN A 353 -14.14 8.65 -3.72
N GLY A 354 -13.46 8.79 -2.59
CA GLY A 354 -12.94 10.09 -2.18
C GLY A 354 -12.16 9.96 -0.90
N ALA A 355 -11.67 11.11 -0.42
CA ALA A 355 -10.78 11.14 0.74
C ALA A 355 -11.23 12.29 1.63
N CYS A 356 -11.15 12.07 2.95
CA CYS A 356 -11.30 13.17 3.89
C CYS A 356 -9.97 13.91 4.00
N ILE A 357 -9.91 15.13 3.47
CA ILE A 357 -8.73 15.98 3.58
C ILE A 357 -9.24 17.38 3.94
N ASN A 358 -8.86 17.89 5.12
CA ASN A 358 -9.54 19.02 5.74
C ASN A 358 -8.84 20.35 5.48
N ASP A 359 -8.02 20.41 4.43
CA ASP A 359 -7.40 21.67 4.07
C ASP A 359 -8.49 22.68 3.77
N GLU A 360 -8.27 23.92 4.22
CA GLU A 360 -9.19 25.02 3.97
C GLU A 360 -8.53 26.01 3.01
N VAL A 361 -9.20 27.15 2.81
CA VAL A 361 -8.77 28.16 1.83
C VAL A 361 -7.66 29.01 2.43
N VAL A 362 -6.50 29.01 1.77
CA VAL A 362 -5.34 29.79 2.17
C VAL A 362 -4.85 30.51 0.92
N ASN A 363 -4.86 31.86 0.95
CA ASN A 363 -4.44 32.68 -0.20
C ASN A 363 -5.29 32.38 -1.44
N GLY A 364 -6.59 32.24 -1.23
CA GLY A 364 -7.55 32.04 -2.32
C GLY A 364 -7.69 30.64 -2.91
N LYS A 365 -6.95 29.64 -2.43
CA LYS A 365 -7.05 28.30 -3.01
C LYS A 365 -6.99 27.26 -1.89
N VAL A 366 -7.46 26.06 -2.22
CA VAL A 366 -7.42 24.92 -1.30
C VAL A 366 -6.44 23.91 -1.87
N GLN A 367 -5.26 23.83 -1.27
CA GLN A 367 -4.14 23.05 -1.79
C GLN A 367 -4.22 21.62 -1.26
N ASP A 368 -5.25 20.91 -1.72
CA ASP A 368 -5.53 19.56 -1.22
C ASP A 368 -4.78 18.51 -2.06
N ASP A 369 -3.45 18.60 -1.97
CA ASP A 369 -2.57 17.69 -2.73
C ASP A 369 -2.81 16.23 -2.37
N ARG A 370 -3.11 15.95 -1.10
CA ARG A 370 -3.35 14.58 -0.62
C ARG A 370 -4.60 13.97 -1.21
N ARG A 371 -5.56 14.80 -1.62
CA ARG A 371 -6.75 14.36 -2.32
C ARG A 371 -6.43 14.01 -3.77
N ILE A 372 -5.62 14.83 -4.45
CA ILE A 372 -5.17 14.47 -5.80
C ILE A 372 -4.40 13.15 -5.76
N SER A 373 -3.50 13.01 -4.79
CA SER A 373 -2.77 11.76 -4.60
C SER A 373 -3.70 10.56 -4.45
N TYR A 374 -4.67 10.68 -3.55
CA TYR A 374 -5.63 9.62 -3.33
C TYR A 374 -6.34 9.25 -4.62
N MET A 375 -6.86 10.25 -5.33
CA MET A 375 -7.60 9.99 -6.57
C MET A 375 -6.72 9.35 -7.65
N GLN A 376 -5.47 9.79 -7.76
CA GLN A 376 -4.52 9.25 -8.72
C GLN A 376 -4.30 7.76 -8.52
N GLN A 377 -4.01 7.35 -7.29
CA GLN A 377 -3.80 5.94 -7.00
C GLN A 377 -5.04 5.11 -7.30
N HIS A 378 -6.21 5.64 -6.98
CA HIS A 378 -7.42 4.85 -7.16
C HIS A 378 -7.90 4.88 -8.61
N LEU A 379 -7.61 5.96 -9.35
CA LEU A 379 -8.02 5.95 -10.74
C LEU A 379 -7.13 5.02 -11.55
N VAL A 380 -5.89 4.85 -11.10
CA VAL A 380 -5.02 3.83 -11.69
C VAL A 380 -5.67 2.46 -11.58
N GLN A 381 -6.26 2.14 -10.41
CA GLN A 381 -6.91 0.85 -10.18
C GLN A 381 -8.17 0.65 -11.02
N VAL A 382 -8.93 1.71 -11.29
CA VAL A 382 -10.08 1.59 -12.18
C VAL A 382 -9.60 1.21 -13.59
N HIS A 383 -8.62 1.94 -14.11
CA HIS A 383 -8.07 1.61 -15.41
C HIS A 383 -7.56 0.18 -15.41
N ARG A 384 -6.92 -0.23 -14.31
CA ARG A 384 -6.35 -1.56 -14.18
C ARG A 384 -7.41 -2.65 -14.35
N ALA A 385 -8.57 -2.47 -13.72
CA ALA A 385 -9.67 -3.44 -13.81
C ALA A 385 -10.29 -3.46 -15.19
N ILE A 386 -10.53 -2.27 -15.75
CA ILE A 386 -11.05 -2.16 -17.12
C ILE A 386 -10.18 -2.94 -18.09
N HIS A 387 -8.86 -2.77 -17.97
CA HIS A 387 -7.85 -3.49 -18.74
C HIS A 387 -7.91 -5.01 -18.53
N ASP A 388 -8.28 -5.48 -17.34
CA ASP A 388 -8.49 -6.91 -17.15
C ASP A 388 -9.78 -7.41 -17.77
N GLY A 389 -10.55 -6.52 -18.40
CA GLY A 389 -11.82 -6.82 -19.03
C GLY A 389 -13.06 -6.66 -18.19
N LEU A 390 -12.98 -6.06 -17.01
CA LEU A 390 -14.16 -5.90 -16.17
C LEU A 390 -15.00 -4.74 -16.67
N HIS A 391 -16.31 -4.89 -16.58
CA HIS A 391 -17.25 -3.90 -17.12
C HIS A 391 -17.48 -2.76 -16.11
N VAL A 392 -16.39 -2.07 -15.77
CA VAL A 392 -16.45 -0.87 -14.92
C VAL A 392 -16.80 0.31 -15.83
N LYS A 393 -17.98 0.91 -15.64
CA LYS A 393 -18.54 1.84 -16.61
C LYS A 393 -18.45 3.32 -16.23
N GLY A 394 -18.15 3.64 -14.98
CA GLY A 394 -18.15 5.05 -14.59
C GLY A 394 -17.48 5.23 -13.25
N TYR A 395 -17.23 6.50 -12.90
CA TYR A 395 -16.55 6.84 -11.65
C TYR A 395 -17.07 8.18 -11.19
N MET A 396 -17.55 8.21 -9.96
CA MET A 396 -18.10 9.40 -9.33
C MET A 396 -17.30 9.74 -8.08
N ALA A 397 -16.72 10.95 -8.07
CA ALA A 397 -15.97 11.43 -6.92
C ALA A 397 -16.92 11.72 -5.72
N TRP A 398 -16.60 11.20 -4.53
CA TRP A 398 -17.25 11.67 -3.30
C TRP A 398 -16.31 12.67 -2.64
N SER A 399 -16.65 13.97 -2.71
CA SER A 399 -17.95 14.50 -3.11
C SER A 399 -17.76 15.79 -3.90
N LEU A 400 -18.84 16.29 -4.53
CA LEU A 400 -18.77 17.58 -5.22
C LEU A 400 -18.44 18.71 -4.26
N LEU A 401 -19.04 18.67 -3.07
CA LEU A 401 -19.04 19.72 -2.07
C LEU A 401 -18.59 19.16 -0.72
N ASP A 402 -17.88 19.97 0.08
CA ASP A 402 -17.84 19.69 1.50
C ASP A 402 -19.25 19.72 2.05
N ASN A 403 -19.61 18.77 2.92
CA ASN A 403 -21.01 18.68 3.37
C ASN A 403 -21.07 18.18 4.81
N PHE A 404 -22.31 17.91 5.25
CA PHE A 404 -22.61 17.33 6.55
C PHE A 404 -22.26 15.85 6.51
N GLU A 405 -21.17 15.46 7.18
CA GLU A 405 -20.63 14.10 7.10
C GLU A 405 -21.11 13.27 8.31
N TRP A 406 -22.44 13.17 8.38
CA TRP A 406 -23.20 12.28 9.31
C TRP A 406 -22.75 12.52 10.75
N ALA A 407 -22.30 11.50 11.50
CA ALA A 407 -21.99 11.64 12.92
C ALA A 407 -20.76 12.51 13.17
N GLU A 408 -20.01 12.85 12.13
CA GLU A 408 -18.86 13.72 12.27
C GLU A 408 -19.21 15.18 12.04
N GLY A 409 -20.43 15.45 11.61
CA GLY A 409 -20.86 16.77 11.30
C GLY A 409 -19.99 17.31 10.18
N TYR A 410 -19.77 18.62 10.21
CA TYR A 410 -19.07 19.35 9.16
C TYR A 410 -17.56 19.32 9.34
N SER A 411 -17.05 18.65 10.37
CA SER A 411 -15.63 18.67 10.70
C SER A 411 -14.76 17.83 9.78
N MET A 412 -15.38 17.01 8.92
CA MET A 412 -14.70 16.04 8.07
C MET A 412 -15.03 16.35 6.61
N ARG A 413 -14.12 17.01 5.88
CA ARG A 413 -14.43 17.53 4.53
C ARG A 413 -14.05 16.56 3.41
N PHE A 414 -15.00 16.26 2.52
CA PHE A 414 -14.76 15.33 1.41
C PHE A 414 -14.80 15.99 0.02
N GLY A 415 -15.16 17.26 -0.09
CA GLY A 415 -15.42 17.81 -1.40
C GLY A 415 -14.18 18.03 -2.27
N ILE A 416 -14.41 18.09 -3.59
CA ILE A 416 -13.42 18.65 -4.51
C ILE A 416 -13.65 20.16 -4.63
N ILE A 417 -14.78 20.65 -4.13
CA ILE A 417 -15.12 22.08 -4.00
C ILE A 417 -15.34 22.41 -2.53
N HIS A 418 -14.63 23.43 -2.04
CA HIS A 418 -14.75 23.89 -0.65
C HIS A 418 -16.04 24.68 -0.43
N VAL A 419 -16.69 24.42 0.70
CA VAL A 419 -17.87 25.18 1.15
C VAL A 419 -17.57 25.78 2.51
N ASP A 420 -17.67 27.12 2.61
CA ASP A 420 -17.63 27.80 3.90
C ASP A 420 -19.05 27.87 4.45
N PHE A 421 -19.33 27.12 5.52
CA PHE A 421 -20.70 26.99 5.99
C PHE A 421 -21.23 28.22 6.73
N ARG A 422 -20.38 29.21 6.99
CA ARG A 422 -20.81 30.46 7.57
C ARG A 422 -21.27 31.44 6.52
N THR A 423 -20.79 31.28 5.28
CA THR A 423 -21.09 32.16 4.17
C THR A 423 -21.70 31.46 2.97
N GLN A 424 -21.59 30.14 2.88
CA GLN A 424 -22.03 29.33 1.75
C GLN A 424 -21.21 29.55 0.48
N VAL A 425 -20.04 30.18 0.58
CA VAL A 425 -19.17 30.39 -0.57
C VAL A 425 -18.54 29.10 -1.07
N ARG A 426 -18.60 28.88 -2.37
CA ARG A 426 -17.94 27.75 -3.04
C ARG A 426 -16.56 28.13 -3.62
N THR A 427 -15.57 27.32 -3.27
CA THR A 427 -14.22 27.47 -3.79
C THR A 427 -13.69 26.17 -4.35
N PRO A 428 -13.59 26.03 -5.67
CA PRO A 428 -12.98 24.84 -6.24
C PRO A 428 -11.56 24.61 -5.73
N LYS A 429 -11.33 23.39 -5.27
CA LYS A 429 -10.02 23.02 -4.75
C LYS A 429 -9.09 22.70 -5.90
N GLU A 430 -7.82 22.50 -5.57
CA GLU A 430 -6.86 22.09 -6.61
C GLU A 430 -7.24 20.75 -7.23
N SER A 431 -7.78 19.82 -6.42
CA SER A 431 -8.30 18.56 -6.93
C SER A 431 -9.39 18.78 -7.98
N TYR A 432 -10.16 19.86 -7.84
CA TYR A 432 -11.18 20.17 -8.83
C TYR A 432 -10.58 20.40 -10.20
N TYR A 433 -9.53 21.24 -10.26
CA TYR A 433 -8.89 21.55 -11.53
C TYR A 433 -8.14 20.36 -12.06
N TRP A 434 -7.50 19.61 -11.17
CA TRP A 434 -6.84 18.37 -11.58
C TRP A 434 -7.86 17.37 -12.14
N TYR A 435 -8.98 17.22 -11.46
CA TYR A 435 -10.01 16.33 -11.97
C TYR A 435 -10.59 16.81 -13.30
N ARG A 436 -10.81 18.12 -13.45
CA ARG A 436 -11.24 18.71 -14.71
C ARG A 436 -10.32 18.30 -15.85
N LYS A 437 -9.00 18.28 -15.61
CA LYS A 437 -8.03 17.88 -16.62
C LYS A 437 -8.20 16.42 -16.99
N VAL A 438 -8.32 15.55 -15.98
CA VAL A 438 -8.44 14.12 -16.23
C VAL A 438 -9.71 13.81 -17.02
N VAL A 439 -10.87 14.32 -16.58
CA VAL A 439 -12.10 14.00 -17.28
C VAL A 439 -12.11 14.65 -18.65
N GLY A 440 -11.61 15.89 -18.74
CA GLY A 440 -11.59 16.55 -20.03
C GLY A 440 -10.65 15.84 -21.00
N ASN A 441 -9.54 15.30 -20.50
CA ASN A 441 -8.63 14.58 -21.38
C ASN A 441 -9.08 13.16 -21.57
N ASN A 442 -9.68 12.56 -20.55
CA ASN A 442 -10.06 11.14 -20.53
C ASN A 442 -8.82 10.26 -20.45
N TRP A 443 -7.77 10.81 -19.86
CA TRP A 443 -6.58 10.05 -19.52
C TRP A 443 -5.91 10.70 -18.33
N LEU A 444 -5.19 9.86 -17.58
CA LEU A 444 -4.47 10.24 -16.40
C LEU A 444 -2.99 9.98 -16.64
N GLU A 445 -2.15 10.84 -16.09
CA GLU A 445 -0.70 10.71 -16.13
C GLU A 445 -0.24 10.74 -14.69
N THR A 446 0.31 9.64 -14.19
CA THR A 446 0.72 9.65 -12.80
C THR A 446 2.02 10.41 -12.63
N ARG A 447 2.07 11.23 -11.58
CA ARG A 447 3.17 12.16 -11.35
C ARG A 447 3.36 12.32 -9.85
N ARG A 448 4.31 13.19 -9.49
CA ARG A 448 4.73 13.53 -8.13
C ARG A 448 5.28 12.34 -7.32
N MET B 1 -2.92 1.99 16.98
CA MET B 1 -3.30 1.45 18.27
C MET B 1 -3.21 -0.10 18.35
N THR B 2 -2.09 -0.69 17.88
CA THR B 2 -1.91 -2.14 17.92
C THR B 2 -0.52 -2.41 18.48
N ILE B 3 -0.40 -3.43 19.34
CA ILE B 3 0.90 -3.80 19.91
C ILE B 3 1.45 -5.02 19.18
N PHE B 4 2.72 -4.94 18.81
CA PHE B 4 3.43 -5.98 18.09
C PHE B 4 4.66 -6.32 18.93
N GLN B 5 4.66 -7.51 19.50
CA GLN B 5 5.73 -7.93 20.39
C GLN B 5 6.61 -8.96 19.71
N PHE B 6 7.91 -8.82 19.88
CA PHE B 6 8.91 -9.60 19.18
C PHE B 6 9.54 -10.66 20.10
N PRO B 7 10.14 -11.70 19.50
CA PRO B 7 10.74 -12.77 20.25
C PRO B 7 11.83 -12.26 21.19
N GLN B 8 12.05 -12.93 22.30
CA GLN B 8 13.05 -12.53 23.33
C GLN B 8 14.47 -12.54 22.78
N ASP B 9 14.76 -13.43 21.84
CA ASP B 9 16.09 -13.60 21.23
C ASP B 9 16.27 -12.71 19.99
N PHE B 10 15.27 -11.95 19.61
CA PHE B 10 15.34 -11.10 18.38
C PHE B 10 16.56 -10.19 18.37
N MET B 11 17.24 -10.22 17.22
CA MET B 11 18.50 -9.46 17.02
C MET B 11 18.24 -8.12 16.34
N TRP B 12 18.36 -7.06 17.12
CA TRP B 12 18.19 -5.71 16.56
C TRP B 12 19.57 -5.16 16.19
N GLY B 13 19.69 -4.62 14.98
CA GLY B 13 20.95 -4.02 14.62
C GLY B 13 20.91 -2.87 13.65
N THR B 14 22.10 -2.52 13.20
CA THR B 14 22.32 -1.46 12.24
C THR B 14 23.34 -1.94 11.21
N ALA B 15 23.36 -1.32 10.03
CA ALA B 15 24.21 -1.80 8.93
C ALA B 15 24.91 -0.66 8.21
N THR B 16 26.19 -0.89 7.87
CA THR B 16 27.00 -0.01 7.03
C THR B 16 27.79 -0.84 6.05
N ALA B 17 28.58 -0.16 5.22
CA ALA B 17 29.56 -0.82 4.37
C ALA B 17 30.84 -0.01 4.43
N ALA B 18 31.96 -0.69 4.17
CA ALA B 18 33.29 -0.10 4.34
C ALA B 18 33.46 1.15 3.48
N TYR B 19 33.29 1.02 2.17
CA TYR B 19 33.54 2.18 1.32
C TYR B 19 32.58 3.33 1.59
N GLN B 20 31.33 3.02 1.99
CA GLN B 20 30.34 4.07 2.20
C GLN B 20 30.68 4.96 3.38
N ILE B 21 31.38 4.45 4.39
CA ILE B 21 31.58 5.22 5.61
C ILE B 21 33.05 5.47 5.95
N GLU B 22 33.97 4.59 5.57
CA GLU B 22 35.28 4.59 6.20
C GLU B 22 36.12 5.83 5.88
N GLY B 23 36.18 6.23 4.60
CA GLY B 23 37.15 7.26 4.25
C GLY B 23 38.55 6.66 4.29
N ALA B 24 39.54 7.51 4.60
CA ALA B 24 40.96 7.15 4.66
C ALA B 24 41.37 6.20 3.53
N TYR B 25 40.97 6.56 2.31
CA TYR B 25 41.09 5.67 1.16
C TYR B 25 42.53 5.45 0.70
N GLN B 26 43.45 6.32 1.09
CA GLN B 26 44.87 6.15 0.77
C GLN B 26 45.68 5.95 2.04
N GLU B 27 45.01 5.68 3.16
CA GLU B 27 45.69 5.64 4.43
C GLU B 27 46.12 4.20 4.73
N ASP B 28 47.31 4.07 5.34
CA ASP B 28 47.78 2.77 5.86
C ASP B 28 47.87 1.70 4.80
N GLY B 29 48.32 2.07 3.60
CA GLY B 29 48.57 1.06 2.60
C GLY B 29 47.32 0.47 2.00
N ARG B 30 46.14 1.05 2.27
CA ARG B 30 44.95 0.59 1.57
C ARG B 30 45.11 0.85 0.08
N GLY B 31 44.82 -0.19 -0.70
CA GLY B 31 44.85 -0.07 -2.15
C GLY B 31 43.54 0.39 -2.71
N LEU B 32 43.59 0.75 -3.97
CA LEU B 32 42.42 1.21 -4.70
C LEU B 32 41.51 0.05 -5.02
N SER B 33 40.22 0.31 -4.92
CA SER B 33 39.15 -0.61 -5.30
C SER B 33 38.55 -0.13 -6.62
N ILE B 34 37.68 -0.97 -7.22
CA ILE B 34 36.91 -0.58 -8.40
C ILE B 34 35.97 0.59 -8.13
N TRP B 35 35.59 0.83 -6.85
CA TRP B 35 34.71 1.96 -6.53
C TRP B 35 35.48 3.26 -6.41
N ASP B 36 36.73 3.22 -5.91
CA ASP B 36 37.61 4.37 -6.03
C ASP B 36 37.76 4.76 -7.50
N THR B 37 38.04 3.78 -8.35
CA THR B 37 38.22 4.04 -9.78
C THR B 37 36.93 4.58 -10.40
N PHE B 38 35.81 3.95 -10.09
CA PHE B 38 34.52 4.37 -10.64
C PHE B 38 34.16 5.79 -10.17
N ALA B 39 34.29 6.03 -8.86
CA ALA B 39 33.94 7.35 -8.31
C ALA B 39 34.92 8.44 -8.73
N HIS B 40 36.14 8.08 -9.16
CA HIS B 40 37.12 9.04 -9.66
C HIS B 40 37.01 9.27 -11.18
N THR B 41 36.03 8.65 -11.84
CA THR B 41 35.77 8.83 -13.26
C THR B 41 34.64 9.85 -13.44
N PRO B 42 34.84 10.93 -14.20
CA PRO B 42 33.72 11.87 -14.41
C PRO B 42 32.53 11.20 -15.08
N GLY B 43 31.31 11.58 -14.63
CA GLY B 43 30.07 11.10 -15.18
C GLY B 43 29.45 9.90 -14.50
N LYS B 44 30.17 9.25 -13.59
CA LYS B 44 29.72 8.00 -12.96
C LYS B 44 28.89 8.17 -11.69
N VAL B 45 29.26 9.11 -10.81
CA VAL B 45 28.59 9.33 -9.53
C VAL B 45 28.06 10.75 -9.49
N PHE B 46 26.81 10.91 -9.04
CA PHE B 46 26.16 12.22 -8.98
C PHE B 46 27.06 13.22 -8.26
N ASN B 47 27.24 14.39 -8.88
CA ASN B 47 28.03 15.52 -8.40
C ASN B 47 29.52 15.24 -8.31
N GLY B 48 29.99 14.11 -8.84
CA GLY B 48 31.37 13.73 -8.64
C GLY B 48 31.74 13.39 -7.23
N ASP B 49 30.75 12.99 -6.42
CA ASP B 49 31.02 12.50 -5.06
C ASP B 49 31.89 11.25 -5.13
N ASN B 50 32.66 11.00 -4.06
CA ASN B 50 33.48 9.80 -3.92
C ASN B 50 33.60 9.43 -2.44
N GLY B 51 34.29 8.32 -2.16
CA GLY B 51 34.46 7.83 -0.80
C GLY B 51 35.79 8.08 -0.10
N ASN B 52 36.57 9.04 -0.60
CA ASN B 52 37.87 9.35 -0.01
C ASN B 52 37.75 9.72 1.46
N VAL B 53 36.72 10.49 1.79
CA VAL B 53 36.50 10.95 3.14
C VAL B 53 35.25 10.32 3.74
N ALA B 54 34.14 10.31 3.00
CA ALA B 54 32.90 9.72 3.50
C ALA B 54 32.54 10.21 4.90
N CYS B 55 32.35 9.28 5.86
CA CYS B 55 32.02 9.59 7.24
C CYS B 55 33.24 9.58 8.13
N ASP B 56 34.43 9.40 7.55
CA ASP B 56 35.70 9.32 8.28
C ASP B 56 35.65 8.27 9.37
N SER B 57 34.87 7.21 9.14
CA SER B 57 34.75 6.16 10.14
C SER B 57 36.04 5.36 10.31
N TYR B 58 37.04 5.58 9.46
CA TYR B 58 38.37 5.03 9.74
C TYR B 58 38.93 5.63 11.02
N HIS B 59 38.64 6.90 11.29
CA HIS B 59 39.12 7.56 12.51
C HIS B 59 38.05 7.71 13.58
N ARG B 60 36.77 7.80 13.21
CA ARG B 60 35.72 8.19 14.15
C ARG B 60 34.88 7.00 14.61
N TYR B 61 35.36 5.78 14.38
CA TYR B 61 34.58 4.59 14.71
C TYR B 61 34.21 4.55 16.19
N GLU B 62 35.02 5.15 17.05
CA GLU B 62 34.74 5.14 18.48
C GLU B 62 33.48 5.92 18.83
N GLU B 63 33.28 7.07 18.18
CA GLU B 63 32.06 7.84 18.38
C GLU B 63 30.85 7.07 17.86
N ASP B 64 30.98 6.51 16.66
CA ASP B 64 29.91 5.72 16.06
C ASP B 64 29.49 4.54 16.95
N ILE B 65 30.46 3.90 17.62
CA ILE B 65 30.20 2.77 18.50
C ILE B 65 29.58 3.25 19.81
N ARG B 66 30.01 4.41 20.31
CA ARG B 66 29.34 5.02 21.47
C ARG B 66 27.85 5.27 21.17
N LEU B 67 27.55 5.79 19.97
CA LEU B 67 26.15 6.08 19.60
C LEU B 67 25.32 4.80 19.44
N MET B 68 25.91 3.71 18.93
CA MET B 68 25.13 2.49 18.78
C MET B 68 25.00 1.78 20.12
N LYS B 69 25.92 2.06 21.05
CA LYS B 69 25.76 1.53 22.40
C LYS B 69 24.58 2.20 23.12
N GLU B 70 24.47 3.52 22.99
CA GLU B 70 23.36 4.26 23.56
C GLU B 70 22.06 3.94 22.85
N LEU B 71 22.15 3.48 21.60
CA LEU B 71 20.96 3.04 20.90
C LEU B 71 20.42 1.75 21.47
N GLY B 72 21.27 0.96 22.10
CA GLY B 72 20.84 -0.29 22.67
C GLY B 72 20.76 -1.42 21.68
N ILE B 73 21.41 -1.30 20.51
CA ILE B 73 21.39 -2.38 19.53
C ILE B 73 22.30 -3.50 20.01
N ARG B 74 22.00 -4.73 19.55
CA ARG B 74 22.72 -5.95 19.89
C ARG B 74 23.68 -6.44 18.81
N THR B 75 23.57 -5.93 17.58
CA THR B 75 24.46 -6.32 16.50
C THR B 75 24.78 -5.08 15.66
N TYR B 76 25.97 -5.09 15.05
CA TYR B 76 26.39 -4.07 14.09
C TYR B 76 26.94 -4.78 12.86
N ARG B 77 26.30 -4.57 11.72
CA ARG B 77 26.72 -5.18 10.47
C ARG B 77 27.63 -4.23 9.70
N PHE B 78 28.83 -4.70 9.40
CA PHE B 78 29.80 -3.89 8.67
C PHE B 78 30.44 -4.78 7.63
N SER B 79 31.16 -4.16 6.70
CA SER B 79 31.89 -4.89 5.69
C SER B 79 33.37 -4.55 5.77
N VAL B 80 34.19 -5.47 5.24
CA VAL B 80 35.65 -5.34 5.27
C VAL B 80 36.13 -4.82 3.91
N SER B 81 36.91 -3.73 3.93
CA SER B 81 37.55 -3.20 2.73
C SER B 81 38.64 -4.21 2.35
N TRP B 82 38.36 -5.01 1.32
CA TRP B 82 39.34 -5.95 0.81
C TRP B 82 40.71 -5.32 0.53
N PRO B 83 40.82 -4.19 -0.24
CA PRO B 83 42.15 -3.62 -0.50
C PRO B 83 42.81 -2.97 0.71
N ARG B 84 42.20 -3.09 1.89
CA ARG B 84 42.87 -2.76 3.13
C ARG B 84 43.64 -3.95 3.68
N ILE B 85 43.23 -5.17 3.31
CA ILE B 85 43.84 -6.41 3.75
C ILE B 85 44.86 -6.90 2.71
N PHE B 86 44.46 -6.96 1.43
CA PHE B 86 45.33 -7.32 0.30
C PHE B 86 45.23 -6.21 -0.74
N PRO B 87 46.03 -5.12 -0.60
CA PRO B 87 45.90 -3.95 -1.50
C PRO B 87 45.86 -4.23 -3.00
N ASN B 88 46.61 -5.27 -3.42
CA ASN B 88 46.68 -5.72 -4.81
C ASN B 88 45.88 -7.00 -5.01
N GLY B 89 45.38 -7.60 -3.93
CA GLY B 89 44.60 -8.81 -4.02
C GLY B 89 45.40 -10.04 -4.38
N ASP B 90 46.67 -10.10 -4.00
CA ASP B 90 47.55 -11.16 -4.48
C ASP B 90 48.60 -11.47 -3.42
N GLY B 91 48.13 -11.73 -2.20
CA GLY B 91 48.97 -12.36 -1.21
C GLY B 91 49.70 -11.61 -0.11
N GLU B 92 50.29 -10.46 -0.37
CA GLU B 92 50.99 -9.80 0.72
C GLU B 92 49.99 -8.96 1.50
N VAL B 93 49.75 -9.38 2.74
CA VAL B 93 48.76 -8.75 3.59
C VAL B 93 49.29 -7.44 4.15
N ASN B 94 48.36 -6.61 4.59
CA ASN B 94 48.65 -5.32 5.18
C ASN B 94 48.24 -5.41 6.65
N GLN B 95 49.23 -5.57 7.54
CA GLN B 95 48.89 -5.73 8.94
C GLN B 95 48.15 -4.49 9.46
N LYS B 96 48.47 -3.31 8.89
CA LYS B 96 47.76 -2.07 9.23
C LYS B 96 46.25 -2.18 8.96
N GLY B 97 45.89 -2.76 7.81
CA GLY B 97 44.50 -3.04 7.48
C GLY B 97 43.82 -3.92 8.53
N LEU B 98 44.41 -5.08 8.79
CA LEU B 98 43.90 -5.99 9.82
C LEU B 98 43.79 -5.32 11.16
N ASP B 99 44.74 -4.43 11.49
CA ASP B 99 44.74 -3.74 12.78
C ASP B 99 43.48 -2.90 12.98
N TYR B 100 43.03 -2.21 11.92
CA TYR B 100 41.84 -1.36 12.04
C TYR B 100 40.61 -2.17 12.44
N TYR B 101 40.32 -3.21 11.68
CA TYR B 101 39.17 -4.04 11.98
C TYR B 101 39.28 -4.74 13.32
N HIS B 102 40.50 -4.87 13.85
CA HIS B 102 40.61 -5.46 15.18
C HIS B 102 40.18 -4.48 16.27
N ARG B 103 40.52 -3.18 16.16
CA ARG B 103 40.07 -2.24 17.19
C ARG B 103 38.57 -2.04 17.10
N VAL B 104 38.02 -2.04 15.89
CA VAL B 104 36.59 -1.92 15.70
C VAL B 104 35.90 -3.12 16.35
N VAL B 105 36.26 -4.32 15.91
CA VAL B 105 35.59 -5.55 16.37
C VAL B 105 35.71 -5.73 17.88
N ASP B 106 36.89 -5.42 18.43
CA ASP B 106 37.06 -5.54 19.88
C ASP B 106 36.22 -4.52 20.62
N LEU B 107 36.17 -3.29 20.10
CA LEU B 107 35.34 -2.26 20.70
C LEU B 107 33.85 -2.63 20.68
N LEU B 108 33.41 -3.27 19.60
CA LEU B 108 32.03 -3.77 19.52
C LEU B 108 31.78 -4.83 20.58
N ASN B 109 32.67 -5.84 20.66
CA ASN B 109 32.48 -6.95 21.61
C ASN B 109 32.51 -6.45 23.03
N ASP B 110 33.37 -5.46 23.32
CA ASP B 110 33.48 -4.93 24.68
C ASP B 110 32.20 -4.24 25.10
N ASN B 111 31.41 -3.78 24.14
CA ASN B 111 30.16 -3.10 24.40
C ASN B 111 28.96 -4.01 24.28
N GLY B 112 29.19 -5.32 24.14
CA GLY B 112 28.04 -6.19 24.00
C GLY B 112 27.38 -6.11 22.65
N ILE B 113 28.10 -5.65 21.62
CA ILE B 113 27.57 -5.51 20.27
C ILE B 113 28.20 -6.62 19.43
N GLU B 114 27.36 -7.49 18.89
CA GLU B 114 27.79 -8.64 18.09
C GLU B 114 28.23 -8.20 16.68
N PRO B 115 29.49 -8.39 16.30
CA PRO B 115 29.86 -8.12 14.90
C PRO B 115 29.12 -9.05 13.95
N PHE B 116 28.63 -8.48 12.84
CA PHE B 116 27.96 -9.19 11.75
C PHE B 116 28.76 -8.84 10.50
N CYS B 117 29.68 -9.73 10.11
CA CYS B 117 30.75 -9.35 9.20
C CYS B 117 30.41 -9.75 7.77
N THR B 118 30.28 -8.73 6.91
CA THR B 118 30.22 -8.90 5.47
C THR B 118 31.64 -8.82 4.93
N LEU B 119 32.05 -9.85 4.19
CA LEU B 119 33.40 -9.89 3.62
C LEU B 119 33.48 -9.07 2.34
N TYR B 120 32.51 -9.22 1.45
CA TYR B 120 32.49 -8.49 0.17
C TYR B 120 31.30 -7.53 0.09
N HIS B 121 31.56 -6.23 0.25
CA HIS B 121 30.55 -5.21 -0.02
C HIS B 121 31.07 -4.31 -1.15
N TRP B 122 31.35 -4.94 -2.30
CA TRP B 122 31.62 -4.35 -3.62
C TRP B 122 33.01 -3.71 -3.86
N ASP B 123 33.92 -3.69 -2.89
CA ASP B 123 35.20 -3.01 -3.09
C ASP B 123 36.29 -3.97 -3.58
N LEU B 124 36.12 -4.50 -4.80
CA LEU B 124 37.10 -5.40 -5.41
C LEU B 124 38.39 -4.65 -5.74
N PRO B 125 39.57 -5.10 -5.25
CA PRO B 125 40.84 -4.41 -5.59
C PRO B 125 41.04 -4.16 -7.07
N GLN B 126 41.43 -2.93 -7.43
CA GLN B 126 41.61 -2.60 -8.85
C GLN B 126 42.59 -3.54 -9.54
N ALA B 127 43.62 -4.00 -8.83
CA ALA B 127 44.60 -4.92 -9.43
C ALA B 127 43.95 -6.13 -10.05
N LEU B 128 42.95 -6.71 -9.36
CA LEU B 128 42.24 -7.85 -9.93
C LEU B 128 41.34 -7.45 -11.08
N GLN B 129 40.81 -6.22 -11.06
CA GLN B 129 39.98 -5.78 -12.18
C GLN B 129 40.81 -5.62 -13.44
N ASP B 130 42.07 -5.20 -13.30
CA ASP B 130 42.98 -5.13 -14.44
C ASP B 130 43.13 -6.50 -15.12
N ALA B 131 43.10 -7.59 -14.33
CA ALA B 131 43.18 -8.96 -14.82
C ALA B 131 41.82 -9.47 -15.29
N GLY B 132 40.78 -8.64 -15.25
CA GLY B 132 39.46 -9.04 -15.69
C GLY B 132 38.45 -9.05 -14.57
N GLY B 133 38.92 -8.87 -13.34
CA GLY B 133 38.03 -8.84 -12.20
C GLY B 133 37.27 -10.14 -12.10
N TRP B 134 36.00 -10.05 -11.68
CA TRP B 134 35.22 -11.24 -11.33
C TRP B 134 34.93 -12.13 -12.53
N GLY B 135 35.07 -11.61 -13.73
CA GLY B 135 34.97 -12.39 -14.96
C GLY B 135 36.11 -13.38 -15.19
N ASN B 136 37.07 -13.42 -14.26
CA ASN B 136 38.30 -14.19 -14.35
C ASN B 136 38.39 -15.03 -13.08
N ARG B 137 38.29 -16.33 -13.27
CA ARG B 137 38.27 -17.24 -12.15
C ARG B 137 39.50 -17.12 -11.24
N ARG B 138 40.52 -16.36 -11.65
CA ARG B 138 41.72 -16.26 -10.83
C ARG B 138 41.42 -15.52 -9.53
N THR B 139 40.52 -14.53 -9.60
CA THR B 139 40.12 -13.80 -8.40
C THR B 139 39.26 -14.66 -7.48
N ILE B 140 38.56 -15.68 -8.01
CA ILE B 140 37.90 -16.65 -7.13
C ILE B 140 38.86 -17.10 -6.03
N GLN B 141 40.07 -17.53 -6.42
CA GLN B 141 41.06 -17.99 -5.46
C GLN B 141 41.54 -16.84 -4.58
N ALA B 142 41.64 -15.63 -5.17
CA ALA B 142 41.99 -14.44 -4.39
C ALA B 142 40.95 -14.15 -3.31
N PHE B 143 39.66 -14.33 -3.62
CA PHE B 143 38.67 -14.08 -2.58
C PHE B 143 38.77 -15.12 -1.46
N VAL B 144 38.91 -16.39 -1.84
CA VAL B 144 38.98 -17.47 -0.85
C VAL B 144 40.15 -17.23 0.10
N GLN B 145 41.26 -16.69 -0.42
CA GLN B 145 42.37 -16.34 0.45
C GLN B 145 42.00 -15.21 1.39
N PHE B 146 41.24 -14.23 0.90
CA PHE B 146 40.75 -13.14 1.74
C PHE B 146 39.91 -13.66 2.90
N ALA B 147 38.87 -14.46 2.59
CA ALA B 147 37.98 -14.99 3.61
C ALA B 147 38.72 -15.84 4.63
N GLU B 148 39.66 -16.67 4.17
CA GLU B 148 40.39 -17.49 5.13
C GLU B 148 41.16 -16.61 6.10
N THR B 149 41.84 -15.59 5.57
CA THR B 149 42.59 -14.64 6.40
C THR B 149 41.68 -13.97 7.43
N MET B 150 40.44 -13.66 7.04
CA MET B 150 39.48 -13.04 7.96
C MET B 150 38.96 -14.07 8.98
N PHE B 151 38.61 -15.29 8.53
CA PHE B 151 38.23 -16.33 9.48
C PHE B 151 39.37 -16.61 10.43
N ARG B 152 40.60 -16.49 9.92
CA ARG B 152 41.81 -16.82 10.67
C ARG B 152 42.07 -15.78 11.76
N GLU B 153 42.15 -14.50 11.37
CA GLU B 153 42.46 -13.45 12.36
C GLU B 153 41.32 -13.15 13.31
N PHE B 154 40.06 -13.37 12.91
CA PHE B 154 38.87 -12.97 13.67
C PHE B 154 38.04 -14.15 14.16
N HIS B 155 38.65 -15.34 14.27
CA HIS B 155 38.00 -16.48 14.90
C HIS B 155 37.66 -16.14 16.36
N GLY B 156 36.41 -16.41 16.76
CA GLY B 156 35.93 -16.16 18.12
C GLY B 156 35.54 -14.74 18.44
N LYS B 157 35.94 -13.78 17.60
CA LYS B 157 35.56 -12.37 17.75
C LYS B 157 34.34 -12.00 16.94
N ILE B 158 34.05 -12.74 15.88
CA ILE B 158 32.91 -12.53 15.01
C ILE B 158 32.17 -13.86 14.91
N GLN B 159 30.87 -13.85 15.21
CA GLN B 159 30.06 -15.06 15.22
C GLN B 159 29.05 -15.10 14.08
N HIS B 160 29.02 -14.07 13.23
CA HIS B 160 28.09 -13.97 12.12
C HIS B 160 28.81 -13.46 10.89
N TRP B 161 28.72 -14.22 9.79
CA TRP B 161 29.49 -13.94 8.59
C TRP B 161 28.58 -13.96 7.38
N LEU B 162 28.89 -13.08 6.44
CA LEU B 162 28.23 -13.08 5.15
C LEU B 162 29.30 -13.02 4.08
N THR B 163 29.17 -13.85 3.06
CA THR B 163 30.16 -13.85 2.00
C THR B 163 29.99 -12.62 1.13
N PHE B 164 28.82 -12.49 0.48
CA PHE B 164 28.55 -11.44 -0.48
C PHE B 164 27.28 -10.67 -0.11
N ASN B 165 27.32 -9.35 -0.32
CA ASN B 165 26.16 -8.46 -0.16
C ASN B 165 25.61 -8.11 -1.53
N GLU B 166 24.36 -8.50 -1.79
CA GLU B 166 23.56 -8.18 -2.98
C GLU B 166 24.26 -8.67 -4.25
N PRO B 167 24.26 -9.99 -4.51
CA PRO B 167 24.87 -10.48 -5.75
C PRO B 167 24.27 -9.90 -7.03
N TRP B 168 22.95 -9.69 -7.12
CA TRP B 168 22.40 -9.09 -8.32
C TRP B 168 23.01 -7.71 -8.59
N CYS B 169 23.34 -6.95 -7.55
CA CYS B 169 23.96 -5.65 -7.81
C CYS B 169 25.37 -5.85 -8.34
N ILE B 170 26.10 -6.78 -7.71
CA ILE B 170 27.49 -7.06 -8.13
C ILE B 170 27.55 -7.48 -9.59
N ALA B 171 26.59 -8.30 -10.04
CA ALA B 171 26.60 -8.88 -11.37
C ALA B 171 25.86 -8.02 -12.39
N PHE B 172 24.54 -7.90 -12.23
CA PHE B 172 23.74 -7.34 -13.33
C PHE B 172 23.69 -5.82 -13.32
N LEU B 173 23.55 -5.19 -12.15
CA LEU B 173 23.53 -3.73 -12.11
C LEU B 173 24.89 -3.16 -12.53
N SER B 174 25.96 -3.85 -12.15
CA SER B 174 27.34 -3.44 -12.37
C SER B 174 27.87 -3.79 -13.76
N ASN B 175 27.48 -4.94 -14.30
CA ASN B 175 28.07 -5.44 -15.53
C ASN B 175 27.07 -5.62 -16.66
N MET B 176 25.77 -5.52 -16.40
CA MET B 176 24.80 -5.49 -17.49
C MET B 176 24.23 -4.08 -17.69
N LEU B 177 23.86 -3.41 -16.59
CA LEU B 177 23.28 -2.09 -16.69
C LEU B 177 24.30 -0.96 -16.52
N GLY B 178 25.53 -1.27 -16.08
CA GLY B 178 26.61 -0.29 -16.03
C GLY B 178 26.43 0.83 -15.05
N VAL B 179 25.53 0.68 -14.08
CA VAL B 179 25.20 1.75 -13.12
C VAL B 179 26.18 1.78 -11.94
N HIS B 180 26.71 0.62 -11.53
CA HIS B 180 27.68 0.51 -10.44
C HIS B 180 28.99 -0.03 -11.00
N ALA B 181 30.08 0.17 -10.24
CA ALA B 181 31.42 -0.29 -10.64
C ALA B 181 31.44 -1.80 -10.89
N PRO B 182 32.15 -2.27 -11.93
CA PRO B 182 33.04 -1.52 -12.81
C PRO B 182 32.34 -0.88 -14.01
N GLY B 183 31.02 -1.02 -14.12
CA GLY B 183 30.27 -0.25 -15.10
C GLY B 183 30.25 -0.76 -16.52
N LEU B 184 30.24 -2.07 -16.72
CA LEU B 184 30.16 -2.60 -18.07
C LEU B 184 28.70 -2.89 -18.42
N THR B 185 28.45 -3.06 -19.70
CA THR B 185 27.11 -3.32 -20.24
C THR B 185 27.18 -4.55 -21.19
N ASN B 186 27.43 -5.72 -20.60
CA ASN B 186 27.55 -6.96 -21.38
C ASN B 186 26.87 -8.09 -20.62
N LEU B 187 25.84 -8.64 -21.27
CA LEU B 187 25.08 -9.73 -20.67
C LEU B 187 25.96 -10.90 -20.26
N GLN B 188 26.75 -11.42 -21.20
CA GLN B 188 27.58 -12.59 -20.92
C GLN B 188 28.54 -12.34 -19.77
N THR B 189 29.11 -11.13 -19.71
CA THR B 189 30.03 -10.80 -18.62
C THR B 189 29.31 -10.86 -17.28
N ALA B 190 28.08 -10.33 -17.23
CA ALA B 190 27.32 -10.29 -16.00
C ALA B 190 27.08 -11.71 -15.47
N ILE B 191 26.74 -12.64 -16.36
CA ILE B 191 26.54 -14.05 -15.99
C ILE B 191 27.85 -14.69 -15.52
N ASP B 192 28.99 -14.38 -16.16
CA ASP B 192 30.28 -14.86 -15.67
C ASP B 192 30.56 -14.38 -14.25
N VAL B 193 30.40 -13.07 -14.01
CA VAL B 193 30.63 -12.48 -12.70
C VAL B 193 29.77 -13.17 -11.64
N GLY B 194 28.48 -13.35 -11.94
CA GLY B 194 27.59 -14.05 -11.03
C GLY B 194 28.03 -15.46 -10.70
N HIS B 195 28.42 -16.24 -11.72
CA HIS B 195 28.81 -17.64 -11.46
C HIS B 195 30.06 -17.73 -10.60
N HIS B 196 31.11 -16.97 -10.95
CA HIS B 196 32.36 -16.99 -10.19
C HIS B 196 32.17 -16.45 -8.78
N LEU B 197 31.14 -15.61 -8.58
CA LEU B 197 30.80 -15.15 -7.24
C LEU B 197 30.29 -16.31 -6.39
N LEU B 198 29.39 -17.10 -6.97
CA LEU B 198 28.83 -18.25 -6.25
C LEU B 198 29.89 -19.30 -5.94
N VAL B 199 30.81 -19.53 -6.88
CA VAL B 199 31.91 -20.49 -6.67
C VAL B 199 32.81 -20.02 -5.53
N ALA B 200 33.14 -18.71 -5.50
CA ALA B 200 33.93 -18.19 -4.39
C ALA B 200 33.17 -18.28 -3.07
N HIS B 201 31.84 -18.12 -3.08
CA HIS B 201 31.04 -18.29 -1.87
C HIS B 201 31.09 -19.72 -1.37
N GLY B 202 30.80 -20.68 -2.26
CA GLY B 202 30.87 -22.09 -1.90
C GLY B 202 32.21 -22.48 -1.30
N LEU B 203 33.30 -22.07 -1.96
CA LEU B 203 34.63 -22.43 -1.48
C LEU B 203 34.95 -21.77 -0.16
N SER B 204 34.53 -20.52 0.03
CA SER B 204 34.78 -19.86 1.30
C SER B 204 33.96 -20.48 2.43
N VAL B 205 32.75 -20.98 2.11
CA VAL B 205 31.92 -21.66 3.11
C VAL B 205 32.48 -23.05 3.43
N ARG B 206 32.90 -23.75 2.37
CA ARG B 206 33.51 -25.10 2.51
C ARG B 206 34.79 -24.97 3.34
N ARG B 207 35.40 -23.81 3.30
CA ARG B 207 36.61 -23.64 4.08
C ARG B 207 36.26 -23.22 5.48
N PHE B 208 35.18 -22.43 5.61
CA PHE B 208 34.72 -22.02 6.94
C PHE B 208 34.63 -23.19 7.91
N ARG B 209 33.96 -24.26 7.47
CA ARG B 209 33.84 -25.48 8.25
C ARG B 209 35.20 -26.07 8.56
N GLU B 210 35.97 -26.29 7.49
CA GLU B 210 37.26 -26.96 7.55
C GLU B 210 38.16 -26.25 8.57
N LEU B 211 37.99 -24.96 8.79
CA LEU B 211 38.81 -24.26 9.76
C LEU B 211 38.19 -24.29 11.14
N GLY B 212 36.96 -24.79 11.25
CA GLY B 212 36.19 -24.76 12.48
C GLY B 212 35.98 -23.35 12.99
N THR B 213 35.91 -22.37 12.09
CA THR B 213 35.77 -20.97 12.49
C THR B 213 34.45 -20.75 13.23
N SER B 214 34.50 -19.86 14.23
CA SER B 214 33.37 -19.64 15.13
C SER B 214 32.19 -19.00 14.40
N GLY B 215 30.99 -19.47 14.72
CA GLY B 215 29.80 -18.79 14.27
C GLY B 215 29.12 -19.46 13.10
N GLN B 216 28.35 -18.64 12.39
CA GLN B 216 27.54 -19.09 11.27
C GLN B 216 27.82 -18.24 10.03
N ILE B 217 27.48 -18.80 8.87
CA ILE B 217 27.86 -18.19 7.61
C ILE B 217 26.67 -18.30 6.67
N GLY B 218 26.46 -17.26 5.89
CA GLY B 218 25.46 -17.26 4.85
C GLY B 218 25.78 -16.23 3.78
N ILE B 219 24.74 -15.88 3.04
CA ILE B 219 24.85 -14.89 1.99
C ILE B 219 23.63 -13.97 2.11
N ALA B 220 23.79 -12.72 1.65
CA ALA B 220 22.80 -11.66 1.85
C ALA B 220 22.37 -11.08 0.50
N PRO B 221 21.47 -11.74 -0.22
CA PRO B 221 20.93 -11.16 -1.46
C PRO B 221 19.98 -9.98 -1.24
N ASN B 222 19.95 -9.07 -2.22
CA ASN B 222 18.86 -8.11 -2.28
C ASN B 222 17.71 -8.79 -3.00
N VAL B 223 16.50 -8.53 -2.51
CA VAL B 223 15.34 -9.29 -2.90
C VAL B 223 14.37 -8.36 -3.62
N SER B 224 13.86 -8.81 -4.76
CA SER B 224 12.89 -8.11 -5.59
C SER B 224 11.48 -8.65 -5.35
N TRP B 225 10.48 -7.78 -5.48
CA TRP B 225 9.09 -8.25 -5.50
C TRP B 225 8.31 -7.45 -6.54
N ALA B 226 7.70 -8.15 -7.49
CA ALA B 226 6.86 -7.50 -8.49
C ALA B 226 5.56 -8.28 -8.62
N VAL B 227 4.47 -7.54 -8.85
CA VAL B 227 3.13 -8.10 -8.96
C VAL B 227 2.56 -7.66 -10.29
N PRO B 228 1.85 -8.53 -11.02
CA PRO B 228 1.41 -8.17 -12.37
C PRO B 228 0.29 -7.14 -12.40
N TYR B 229 0.41 -6.22 -13.35
CA TYR B 229 -0.64 -5.25 -13.56
C TYR B 229 -1.92 -5.93 -14.03
N SER B 230 -1.81 -6.79 -15.03
CA SER B 230 -2.96 -7.55 -15.53
C SER B 230 -2.91 -8.99 -15.04
N THR B 231 -3.96 -9.74 -15.36
CA THR B 231 -4.03 -11.17 -15.08
C THR B 231 -3.33 -12.03 -16.14
N SER B 232 -2.85 -11.41 -17.21
CA SER B 232 -2.23 -12.13 -18.32
C SER B 232 -1.06 -12.98 -17.84
N GLU B 233 -0.77 -14.04 -18.60
CA GLU B 233 0.40 -14.86 -18.35
C GLU B 233 1.70 -14.12 -18.62
N GLU B 234 1.67 -13.22 -19.61
CA GLU B 234 2.86 -12.42 -19.92
C GLU B 234 3.24 -11.52 -18.75
N ASP B 235 2.25 -10.85 -18.14
CA ASP B 235 2.55 -9.98 -16.99
C ASP B 235 3.04 -10.76 -15.81
N LYS B 236 2.48 -11.95 -15.60
CA LYS B 236 2.95 -12.80 -14.52
C LYS B 236 4.34 -13.33 -14.84
N ALA B 237 4.60 -13.59 -16.12
CA ALA B 237 5.94 -14.00 -16.55
C ALA B 237 6.95 -12.88 -16.34
N ALA B 238 6.58 -11.66 -16.75
CA ALA B 238 7.48 -10.53 -16.58
C ALA B 238 7.83 -10.31 -15.11
N CYS B 239 6.87 -10.50 -14.21
CA CYS B 239 7.14 -10.36 -12.78
C CYS B 239 8.00 -11.51 -12.27
N ALA B 240 7.78 -12.73 -12.79
CA ALA B 240 8.59 -13.85 -12.37
C ALA B 240 10.05 -13.63 -12.72
N ARG B 241 10.30 -13.03 -13.89
CA ARG B 241 11.68 -12.75 -14.29
C ARG B 241 12.33 -11.73 -13.36
N THR B 242 11.62 -10.61 -13.12
CA THR B 242 12.08 -9.58 -12.18
C THR B 242 12.42 -10.18 -10.83
N ILE B 243 11.48 -10.96 -10.26
CA ILE B 243 11.68 -11.53 -8.93
C ILE B 243 12.84 -12.50 -8.94
N SER B 244 12.87 -13.40 -9.93
CA SER B 244 13.77 -14.54 -9.86
C SER B 244 15.23 -14.17 -10.08
N LEU B 245 15.52 -13.13 -10.86
CA LEU B 245 16.91 -12.77 -11.10
C LEU B 245 17.58 -12.21 -9.84
N HIS B 246 16.82 -11.56 -8.98
CA HIS B 246 17.38 -10.99 -7.75
C HIS B 246 17.74 -12.06 -6.74
N SER B 247 16.83 -13.03 -6.54
CA SER B 247 16.94 -14.03 -5.50
C SER B 247 17.14 -15.45 -6.05
N ASP B 248 16.16 -15.96 -6.82
CA ASP B 248 16.20 -17.34 -7.30
C ASP B 248 17.48 -17.65 -8.05
N TRP B 249 17.90 -16.74 -8.93
CA TRP B 249 19.11 -16.93 -9.70
C TRP B 249 20.30 -17.34 -8.82
N PHE B 250 20.39 -16.78 -7.62
CA PHE B 250 21.48 -17.13 -6.72
C PHE B 250 21.11 -18.17 -5.66
N LEU B 251 19.86 -18.20 -5.18
CA LEU B 251 19.51 -19.09 -4.08
C LEU B 251 19.17 -20.52 -4.55
N GLN B 252 18.67 -20.68 -5.79
CA GLN B 252 18.35 -22.02 -6.26
C GLN B 252 19.60 -22.87 -6.43
N PRO B 253 20.71 -22.34 -6.98
CA PRO B 253 21.97 -23.10 -6.96
C PRO B 253 22.44 -23.52 -5.57
N ILE B 254 22.36 -22.63 -4.59
CA ILE B 254 22.87 -22.89 -3.25
C ILE B 254 22.01 -23.95 -2.54
N TYR B 255 20.70 -23.88 -2.73
CA TYR B 255 19.79 -24.76 -2.00
C TYR B 255 19.36 -25.97 -2.81
N GLN B 256 19.17 -25.79 -4.12
CA GLN B 256 18.59 -26.83 -4.97
C GLN B 256 19.51 -27.28 -6.09
N GLY B 257 20.74 -26.77 -6.14
CA GLY B 257 21.74 -27.29 -7.05
C GLY B 257 21.45 -27.09 -8.52
N SER B 258 20.67 -26.08 -8.89
CA SER B 258 20.34 -25.79 -10.28
C SER B 258 20.04 -24.31 -10.43
N TYR B 259 20.37 -23.74 -11.63
CA TYR B 259 19.92 -22.40 -11.98
C TYR B 259 18.44 -22.40 -12.36
N PRO B 260 17.72 -21.26 -12.12
CA PRO B 260 16.33 -21.19 -12.62
C PRO B 260 16.32 -21.49 -14.12
N GLN B 261 15.69 -22.59 -14.53
CA GLN B 261 15.76 -22.98 -15.94
C GLN B 261 15.08 -21.95 -16.85
N PHE B 262 14.00 -21.31 -16.39
CA PHE B 262 13.26 -20.41 -17.28
C PHE B 262 14.07 -19.16 -17.61
N LEU B 263 14.98 -18.75 -16.71
CA LEU B 263 15.83 -17.60 -17.01
C LEU B 263 17.03 -18.03 -17.86
N VAL B 264 17.57 -19.23 -17.57
CA VAL B 264 18.59 -19.85 -18.44
C VAL B 264 18.11 -19.84 -19.89
N ASP B 265 16.88 -20.33 -20.11
CA ASP B 265 16.27 -20.29 -21.44
C ASP B 265 16.20 -18.86 -21.97
N TRP B 266 15.80 -17.91 -21.11
CA TRP B 266 15.69 -16.51 -21.50
C TRP B 266 17.03 -15.97 -22.00
N PHE B 267 18.10 -16.18 -21.22
CA PHE B 267 19.41 -15.65 -21.62
C PHE B 267 19.98 -16.39 -22.83
N ALA B 268 19.79 -17.72 -22.92
CA ALA B 268 20.32 -18.49 -24.05
C ALA B 268 19.75 -18.00 -25.38
N GLU B 269 18.55 -17.44 -25.39
CA GLU B 269 17.97 -16.84 -26.59
C GLU B 269 18.47 -15.42 -26.82
N GLN B 270 19.28 -14.90 -25.91
CA GLN B 270 20.00 -13.65 -26.10
C GLN B 270 21.49 -13.86 -26.39
N GLY B 271 21.92 -15.12 -26.49
CA GLY B 271 23.30 -15.47 -26.75
C GLY B 271 24.19 -15.58 -25.53
N ALA B 272 23.62 -15.80 -24.34
CA ALA B 272 24.42 -15.93 -23.13
C ALA B 272 24.24 -17.29 -22.47
N THR B 273 25.33 -17.86 -21.95
CA THR B 273 25.36 -19.16 -21.27
C THR B 273 26.17 -19.05 -19.97
N VAL B 274 25.77 -19.85 -18.97
CA VAL B 274 26.51 -19.94 -17.69
C VAL B 274 27.73 -20.81 -17.84
N PRO B 275 28.95 -20.30 -17.54
CA PRO B 275 30.21 -21.06 -17.68
C PRO B 275 30.48 -22.06 -16.56
N ILE B 276 29.60 -23.06 -16.44
CA ILE B 276 29.72 -24.07 -15.40
C ILE B 276 30.87 -25.04 -15.72
N GLN B 277 31.78 -25.20 -14.77
CA GLN B 277 32.87 -26.14 -14.88
C GLN B 277 32.62 -27.28 -13.90
N ASP B 278 33.25 -28.42 -14.16
CA ASP B 278 32.93 -29.62 -13.42
C ASP B 278 33.29 -29.41 -11.93
N GLY B 279 32.36 -29.74 -11.06
CA GLY B 279 32.50 -29.48 -9.66
C GLY B 279 31.89 -28.16 -9.20
N ASP B 280 31.53 -27.26 -10.12
CA ASP B 280 31.02 -25.93 -9.74
C ASP B 280 29.70 -26.01 -8.96
N MET B 281 28.66 -26.61 -9.57
CA MET B 281 27.36 -26.74 -8.92
C MET B 281 27.41 -27.39 -7.55
N ASP B 282 28.34 -28.31 -7.32
CA ASP B 282 28.54 -28.92 -6.02
C ASP B 282 29.28 -28.02 -5.02
N ILE B 283 30.19 -27.16 -5.51
CA ILE B 283 30.87 -26.20 -4.64
C ILE B 283 29.86 -25.18 -4.11
N ILE B 284 28.98 -24.70 -5.00
CA ILE B 284 27.96 -23.70 -4.67
C ILE B 284 26.96 -24.27 -3.65
N GLY B 285 26.63 -25.55 -3.77
CA GLY B 285 25.61 -26.16 -2.91
C GLY B 285 26.05 -26.46 -1.48
N GLU B 286 27.23 -25.96 -1.11
CA GLU B 286 27.72 -26.07 0.25
C GLU B 286 26.67 -25.52 1.22
N PRO B 287 26.29 -26.28 2.25
CA PRO B 287 25.18 -25.84 3.12
C PRO B 287 25.54 -24.58 3.88
N ILE B 288 24.58 -23.67 3.97
CA ILE B 288 24.78 -22.44 4.72
C ILE B 288 23.76 -22.41 5.85
N ASP B 289 24.11 -21.66 6.91
CA ASP B 289 23.37 -21.61 8.17
C ASP B 289 22.17 -20.67 8.15
N MET B 290 22.20 -19.68 7.27
CA MET B 290 21.15 -18.66 7.18
C MET B 290 21.44 -17.77 5.96
N ILE B 291 20.46 -16.96 5.61
CA ILE B 291 20.59 -15.98 4.54
C ILE B 291 20.19 -14.61 5.09
N GLY B 292 20.77 -13.56 4.51
CA GLY B 292 20.31 -12.20 4.71
C GLY B 292 19.46 -11.79 3.53
N ILE B 293 18.42 -11.00 3.79
CA ILE B 293 17.51 -10.44 2.77
C ILE B 293 17.54 -8.91 2.88
N ASN B 294 17.68 -8.23 1.74
CA ASN B 294 17.70 -6.75 1.69
C ASN B 294 16.47 -6.27 0.95
N TYR B 295 15.58 -5.52 1.64
CA TYR B 295 14.32 -5.12 1.06
C TYR B 295 14.14 -3.60 1.20
N TYR B 296 13.65 -2.96 0.13
CA TYR B 296 13.39 -1.53 0.15
C TYR B 296 12.01 -1.21 -0.40
N SER B 297 11.69 -1.78 -1.55
CA SER B 297 10.51 -1.39 -2.27
C SER B 297 10.02 -2.58 -3.07
N MET B 298 8.80 -2.45 -3.59
CA MET B 298 8.19 -3.42 -4.50
C MET B 298 7.50 -2.66 -5.62
N SER B 299 7.09 -3.40 -6.66
CA SER B 299 6.62 -2.78 -7.88
C SER B 299 5.44 -3.53 -8.48
N VAL B 300 4.75 -2.82 -9.38
CA VAL B 300 3.72 -3.38 -10.25
C VAL B 300 4.26 -3.32 -11.68
N ASN B 301 4.45 -4.49 -12.28
CA ASN B 301 5.09 -4.62 -13.57
C ASN B 301 4.14 -5.18 -14.60
N ARG B 302 4.47 -4.91 -15.86
CA ARG B 302 3.81 -5.55 -16.98
C ARG B 302 4.85 -6.04 -17.97
N PHE B 303 4.42 -6.90 -18.88
CA PHE B 303 5.31 -7.33 -19.94
C PHE B 303 5.43 -6.20 -20.97
N ASN B 304 6.68 -5.86 -21.35
CA ASN B 304 6.95 -4.89 -22.41
C ASN B 304 8.23 -5.30 -23.13
N PRO B 305 8.18 -5.57 -24.44
CA PRO B 305 9.39 -6.07 -25.13
C PRO B 305 10.52 -5.07 -25.20
N GLU B 306 10.15 -3.79 -25.25
CA GLU B 306 11.08 -2.63 -25.30
C GLU B 306 11.65 -2.28 -23.94
N ALA B 307 11.23 -2.94 -22.86
CA ALA B 307 11.56 -2.61 -21.46
C ALA B 307 12.74 -3.43 -20.96
N GLY B 308 13.89 -3.16 -21.56
CA GLY B 308 15.13 -3.74 -21.09
C GLY B 308 15.26 -5.21 -21.43
N PHE B 309 16.34 -5.79 -20.89
CA PHE B 309 16.67 -7.18 -21.17
C PHE B 309 15.79 -8.18 -20.45
N LEU B 310 14.97 -7.77 -19.50
CA LEU B 310 14.00 -8.66 -18.88
C LEU B 310 12.60 -8.42 -19.42
N GLN B 311 12.44 -7.41 -20.28
CA GLN B 311 11.17 -7.01 -20.86
C GLN B 311 10.04 -6.98 -19.81
N SER B 312 10.30 -6.22 -18.73
CA SER B 312 9.39 -6.10 -17.59
C SER B 312 9.36 -4.63 -17.22
N GLU B 313 8.24 -3.96 -17.50
CA GLU B 313 8.08 -2.54 -17.25
C GLU B 313 7.34 -2.28 -15.95
N GLU B 314 7.95 -1.57 -15.03
CA GLU B 314 7.27 -1.21 -13.80
C GLU B 314 6.47 0.07 -13.97
N ILE B 315 5.24 0.02 -13.46
CA ILE B 315 4.22 1.04 -13.66
C ILE B 315 4.20 1.98 -12.48
N ASN B 316 4.14 3.28 -12.75
CA ASN B 316 3.96 4.28 -11.71
C ASN B 316 2.51 4.19 -11.25
N MET B 317 2.29 3.59 -10.09
CA MET B 317 0.93 3.46 -9.59
C MET B 317 0.45 4.68 -8.83
N GLY B 318 1.25 5.74 -8.78
CA GLY B 318 0.84 6.95 -8.10
C GLY B 318 1.10 6.93 -6.62
N LEU B 319 1.73 5.86 -6.12
CA LEU B 319 2.01 5.74 -4.70
C LEU B 319 3.02 6.80 -4.27
N PRO B 320 2.98 7.21 -3.01
CA PRO B 320 4.05 8.04 -2.46
C PRO B 320 5.37 7.31 -2.48
N VAL B 321 6.44 8.10 -2.66
CA VAL B 321 7.79 7.61 -2.85
C VAL B 321 8.67 8.28 -1.79
N THR B 322 9.80 7.63 -1.50
CA THR B 322 10.84 8.22 -0.67
C THR B 322 11.59 9.31 -1.46
N ASP B 323 12.60 9.90 -0.82
CA ASP B 323 13.35 10.97 -1.48
C ASP B 323 14.28 10.50 -2.60
N ILE B 324 14.42 9.18 -2.79
CA ILE B 324 15.15 8.64 -3.93
C ILE B 324 14.20 8.11 -5.00
N GLY B 325 12.90 8.14 -4.76
CA GLY B 325 11.89 7.77 -5.72
C GLY B 325 11.32 6.36 -5.58
N TRP B 326 11.63 5.68 -4.56
CA TRP B 326 11.08 4.32 -4.52
C TRP B 326 9.76 4.33 -3.78
N PRO B 327 8.70 3.74 -4.33
CA PRO B 327 7.43 3.71 -3.61
C PRO B 327 7.52 2.90 -2.34
N VAL B 328 6.73 3.35 -1.35
CA VAL B 328 6.64 2.68 -0.06
C VAL B 328 5.43 1.75 -0.09
N GLU B 329 5.68 0.44 -0.08
CA GLU B 329 4.63 -0.58 -0.05
C GLU B 329 5.23 -1.78 0.68
N SER B 330 5.00 -1.83 2.00
CA SER B 330 5.68 -2.76 2.88
C SER B 330 5.26 -4.21 2.74
N ARG B 331 4.11 -4.51 2.13
CA ARG B 331 3.61 -5.88 2.09
C ARG B 331 4.49 -6.80 1.24
N GLY B 332 5.27 -6.22 0.32
CA GLY B 332 6.21 -7.00 -0.46
C GLY B 332 7.21 -7.72 0.41
N LEU B 333 7.55 -7.14 1.55
CA LEU B 333 8.47 -7.77 2.50
C LEU B 333 7.86 -9.03 3.10
N TYR B 334 6.58 -8.96 3.47
CA TYR B 334 5.85 -10.12 3.94
C TYR B 334 5.71 -11.14 2.82
N GLU B 335 5.40 -10.66 1.61
CA GLU B 335 5.22 -11.49 0.41
C GLU B 335 6.47 -12.27 0.05
N VAL B 336 7.61 -11.59 0.01
CA VAL B 336 8.83 -12.25 -0.43
C VAL B 336 9.33 -13.26 0.59
N LEU B 337 9.06 -13.03 1.87
CA LEU B 337 9.51 -14.00 2.86
C LEU B 337 8.77 -15.30 2.73
N HIS B 338 7.47 -15.22 2.43
CA HIS B 338 6.67 -16.41 2.20
C HIS B 338 7.06 -17.08 0.90
N TYR B 339 7.37 -16.27 -0.12
CA TYR B 339 7.87 -16.81 -1.37
C TYR B 339 9.08 -17.70 -1.12
N LEU B 340 9.99 -17.22 -0.27
CA LEU B 340 11.25 -17.90 0.00
C LEU B 340 11.09 -19.17 0.81
N GLN B 341 9.88 -19.52 1.23
CA GLN B 341 9.69 -20.79 1.92
C GLN B 341 9.85 -22.00 1.00
N LYS B 342 9.92 -21.77 -0.31
CA LYS B 342 10.24 -22.82 -1.28
C LYS B 342 11.58 -23.47 -0.99
N TYR B 343 12.48 -22.77 -0.30
CA TYR B 343 13.79 -23.26 0.13
C TYR B 343 13.78 -23.80 1.55
N GLY B 344 12.59 -24.00 2.11
CA GLY B 344 12.49 -24.46 3.48
C GLY B 344 12.36 -23.30 4.44
N ASN B 345 12.00 -23.63 5.67
CA ASN B 345 11.90 -22.61 6.70
C ASN B 345 13.29 -22.29 7.23
N ILE B 346 14.08 -21.69 6.35
CA ILE B 346 15.47 -21.36 6.63
C ILE B 346 15.55 -20.14 7.55
N ASP B 347 16.65 -20.02 8.29
CA ASP B 347 16.88 -18.82 9.07
C ASP B 347 17.15 -17.65 8.15
N ILE B 348 16.39 -16.57 8.36
CA ILE B 348 16.46 -15.36 7.54
C ILE B 348 16.65 -14.16 8.46
N TYR B 349 17.67 -13.36 8.18
CA TYR B 349 17.87 -12.06 8.80
C TYR B 349 17.61 -10.96 7.79
N ILE B 350 16.93 -9.89 8.22
CA ILE B 350 16.76 -8.70 7.37
C ILE B 350 18.00 -7.84 7.57
N THR B 351 18.95 -8.01 6.66
CA THR B 351 20.26 -7.39 6.78
C THR B 351 20.21 -5.93 6.30
N GLU B 352 19.20 -5.56 5.53
CA GLU B 352 18.99 -4.19 5.12
C GLU B 352 17.51 -3.90 4.95
N ASN B 353 17.11 -2.74 5.50
CA ASN B 353 15.80 -2.17 5.25
C ASN B 353 15.88 -0.69 5.61
N GLY B 354 15.48 0.19 4.70
CA GLY B 354 15.55 1.60 5.02
C GLY B 354 14.92 2.46 3.95
N ALA B 355 15.02 3.78 4.17
CA ALA B 355 14.42 4.78 3.31
C ALA B 355 15.35 5.96 3.14
N CYS B 356 15.37 6.50 1.94
CA CYS B 356 15.99 7.78 1.66
C CYS B 356 15.03 8.90 2.03
N ILE B 357 15.35 9.61 3.11
CA ILE B 357 14.59 10.74 3.60
C ILE B 357 15.64 11.80 3.88
N ASN B 358 15.57 12.90 3.15
CA ASN B 358 16.71 13.79 3.05
C ASN B 358 16.62 14.96 4.03
N ASP B 359 15.81 14.83 5.09
CA ASP B 359 15.69 15.89 6.09
C ASP B 359 17.02 16.17 6.76
N GLU B 360 17.26 17.46 7.00
CA GLU B 360 18.49 17.96 7.59
C GLU B 360 18.23 18.45 9.00
N VAL B 361 19.27 18.99 9.62
CA VAL B 361 19.20 19.42 11.01
C VAL B 361 18.54 20.79 11.05
N VAL B 362 17.45 20.89 11.81
CA VAL B 362 16.74 22.15 11.99
C VAL B 362 16.56 22.31 13.50
N ASN B 363 17.09 23.40 14.05
CA ASN B 363 17.00 23.67 15.49
C ASN B 363 17.57 22.48 16.26
N GLY B 364 18.68 21.92 15.79
CA GLY B 364 19.30 20.83 16.53
C GLY B 364 18.68 19.45 16.40
N LYS B 365 17.66 19.25 15.55
CA LYS B 365 17.00 17.96 15.44
C LYS B 365 16.82 17.64 13.97
N VAL B 366 16.65 16.36 13.66
CA VAL B 366 16.35 15.89 12.31
C VAL B 366 14.96 15.27 12.39
N GLN B 367 13.95 15.98 11.90
CA GLN B 367 12.56 15.59 12.10
C GLN B 367 12.13 14.69 10.95
N ASP B 368 12.74 13.51 10.92
CA ASP B 368 12.55 12.57 9.82
C ASP B 368 11.36 11.62 10.11
N ASP B 369 10.17 12.23 10.19
CA ASP B 369 8.94 11.47 10.43
C ASP B 369 8.64 10.45 9.33
N ARG B 370 8.98 10.76 8.07
CA ARG B 370 8.73 9.79 7.00
C ARG B 370 9.62 8.56 7.12
N ARG B 371 10.76 8.67 7.78
CA ARG B 371 11.57 7.50 8.06
C ARG B 371 10.93 6.70 9.20
N ILE B 372 10.44 7.37 10.26
CA ILE B 372 9.69 6.66 11.31
C ILE B 372 8.46 5.95 10.72
N SER B 373 7.73 6.65 9.84
CA SER B 373 6.61 6.04 9.13
C SER B 373 7.03 4.79 8.37
N TYR B 374 8.06 4.87 7.52
CA TYR B 374 8.53 3.71 6.76
C TYR B 374 8.94 2.54 7.67
N MET B 375 9.76 2.82 8.70
CA MET B 375 10.27 1.76 9.55
C MET B 375 9.16 1.01 10.29
N GLN B 376 8.15 1.73 10.78
CA GLN B 376 7.03 1.10 11.49
C GLN B 376 6.21 0.18 10.58
N GLN B 377 5.89 0.63 9.36
CA GLN B 377 5.14 -0.23 8.43
C GLN B 377 5.89 -1.52 8.12
N HIS B 378 7.22 -1.45 7.99
CA HIS B 378 7.97 -2.65 7.62
C HIS B 378 8.23 -3.53 8.83
N LEU B 379 8.36 -2.95 10.02
CA LEU B 379 8.52 -3.81 11.21
C LEU B 379 7.21 -4.56 11.52
N VAL B 380 6.07 -4.01 11.12
CA VAL B 380 4.81 -4.73 11.20
C VAL B 380 4.89 -6.00 10.37
N GLN B 381 5.44 -5.91 9.14
CA GLN B 381 5.54 -7.09 8.27
C GLN B 381 6.51 -8.14 8.81
N VAL B 382 7.56 -7.72 9.54
CA VAL B 382 8.46 -8.70 10.17
C VAL B 382 7.73 -9.53 11.24
N HIS B 383 7.01 -8.85 12.14
CA HIS B 383 6.19 -9.54 13.15
C HIS B 383 5.15 -10.45 12.49
N ARG B 384 4.52 -9.97 11.41
CA ARG B 384 3.50 -10.74 10.72
C ARG B 384 4.07 -12.07 10.22
N ALA B 385 5.29 -12.06 9.66
CA ALA B 385 5.93 -13.28 9.15
C ALA B 385 6.35 -14.24 10.29
N ILE B 386 6.98 -13.70 11.34
CA ILE B 386 7.31 -14.49 12.52
C ILE B 386 6.05 -15.14 13.10
N HIS B 387 4.99 -14.36 13.23
CA HIS B 387 3.71 -14.87 13.68
C HIS B 387 3.18 -15.96 12.74
N ASP B 388 3.52 -15.91 11.45
CA ASP B 388 3.15 -16.98 10.53
C ASP B 388 4.01 -18.24 10.69
N GLY B 389 4.98 -18.22 11.61
CA GLY B 389 5.87 -19.33 11.85
C GLY B 389 7.18 -19.33 11.09
N LEU B 390 7.52 -18.24 10.39
CA LEU B 390 8.76 -18.16 9.64
C LEU B 390 9.92 -17.79 10.57
N HIS B 391 11.11 -18.37 10.30
CA HIS B 391 12.29 -18.20 11.17
C HIS B 391 13.06 -16.92 10.84
N VAL B 392 12.40 -15.78 11.04
CA VAL B 392 13.01 -14.45 10.88
C VAL B 392 13.73 -14.10 12.18
N LYS B 393 15.05 -13.95 12.11
CA LYS B 393 15.87 -13.89 13.31
C LYS B 393 16.38 -12.50 13.69
N GLY B 394 16.33 -11.52 12.78
CA GLY B 394 16.92 -10.23 13.06
C GLY B 394 16.56 -9.18 12.03
N TYR B 395 16.91 -7.93 12.35
CA TYR B 395 16.58 -6.76 11.51
C TYR B 395 17.67 -5.71 11.69
N MET B 396 18.27 -5.28 10.56
CA MET B 396 19.31 -4.24 10.55
C MET B 396 18.85 -3.08 9.69
N ALA B 397 18.70 -1.92 10.31
CA ALA B 397 18.32 -0.70 9.58
C ALA B 397 19.46 -0.23 8.70
N TRP B 398 19.16 0.04 7.44
CA TRP B 398 20.08 0.73 6.54
C TRP B 398 19.69 2.20 6.48
N SER B 399 20.47 3.07 7.14
CA SER B 399 21.80 2.74 7.63
C SER B 399 22.09 3.48 8.92
N LEU B 400 23.16 3.09 9.61
CA LEU B 400 23.49 3.78 10.85
C LEU B 400 23.73 5.26 10.59
N LEU B 401 24.45 5.57 9.52
CA LEU B 401 24.92 6.92 9.20
C LEU B 401 24.50 7.30 7.79
N ASP B 402 24.20 8.59 7.58
CA ASP B 402 24.19 9.09 6.22
C ASP B 402 25.57 8.84 5.63
N ASN B 403 25.61 8.29 4.42
CA ASN B 403 26.87 7.85 3.88
C ASN B 403 26.84 8.02 2.37
N PHE B 404 27.92 7.57 1.75
CA PHE B 404 28.09 7.63 0.30
C PHE B 404 27.17 6.62 -0.37
N GLU B 405 26.12 7.11 -1.03
CA GLU B 405 25.08 6.23 -1.56
C GLU B 405 25.36 5.93 -3.04
N TRP B 406 26.57 5.40 -3.27
CA TRP B 406 27.02 4.85 -4.55
C TRP B 406 26.85 5.84 -5.70
N ALA B 407 26.12 5.50 -6.77
CA ALA B 407 26.03 6.45 -7.89
C ALA B 407 25.23 7.71 -7.55
N GLU B 408 24.55 7.75 -6.40
CA GLU B 408 23.86 8.95 -5.94
C GLU B 408 24.77 9.82 -5.07
N GLY B 409 25.94 9.34 -4.70
CA GLY B 409 26.78 10.11 -3.81
C GLY B 409 26.12 10.33 -2.47
N TYR B 410 26.39 11.49 -1.89
CA TYR B 410 25.91 11.86 -0.57
C TYR B 410 24.56 12.57 -0.62
N SER B 411 23.98 12.72 -1.82
CA SER B 411 22.74 13.45 -1.91
C SER B 411 21.55 12.64 -1.42
N MET B 412 21.72 11.34 -1.22
CA MET B 412 20.62 10.45 -0.84
C MET B 412 20.91 9.92 0.55
N ARG B 413 20.19 10.44 1.53
CA ARG B 413 20.46 10.12 2.93
C ARG B 413 19.59 8.98 3.37
N PHE B 414 20.20 7.92 3.91
CA PHE B 414 19.52 6.75 4.45
C PHE B 414 19.70 6.58 5.95
N GLY B 415 20.56 7.38 6.57
CA GLY B 415 20.93 7.15 7.95
C GLY B 415 19.82 7.46 8.94
N ILE B 416 19.91 6.84 10.12
CA ILE B 416 19.17 7.27 11.30
C ILE B 416 20.00 8.23 12.14
N ILE B 417 21.29 8.36 11.86
CA ILE B 417 22.14 9.40 12.43
C ILE B 417 22.60 10.28 11.28
N HIS B 418 22.32 11.58 11.39
CA HIS B 418 22.73 12.55 10.38
C HIS B 418 24.21 12.81 10.49
N VAL B 419 24.88 12.91 9.35
CA VAL B 419 26.28 13.27 9.32
C VAL B 419 26.41 14.53 8.49
N ASP B 420 26.95 15.60 9.08
CA ASP B 420 27.31 16.77 8.31
C ASP B 420 28.69 16.55 7.69
N PHE B 421 28.72 16.37 6.37
CA PHE B 421 29.97 16.01 5.70
C PHE B 421 30.98 17.15 5.64
N ARG B 422 30.62 18.36 6.07
CA ARG B 422 31.57 19.47 6.16
C ARG B 422 32.31 19.48 7.47
N THR B 423 31.72 18.90 8.51
CA THR B 423 32.30 18.87 9.84
C THR B 423 32.47 17.47 10.39
N GLN B 424 31.80 16.47 9.80
CA GLN B 424 31.70 15.10 10.28
C GLN B 424 30.92 15.02 11.60
N VAL B 425 30.19 16.07 11.97
CA VAL B 425 29.38 16.07 13.18
C VAL B 425 28.24 15.07 13.03
N ARG B 426 28.11 14.18 14.03
CA ARG B 426 26.99 13.24 14.08
C ARG B 426 25.85 13.86 14.89
N THR B 427 24.64 13.78 14.33
CA THR B 427 23.41 14.20 15.01
C THR B 427 22.37 13.11 14.86
N PRO B 428 22.07 12.36 15.92
CA PRO B 428 21.03 11.34 15.83
C PRO B 428 19.68 11.95 15.47
N LYS B 429 19.02 11.32 14.49
CA LYS B 429 17.74 11.80 14.01
C LYS B 429 16.62 11.37 14.95
N GLU B 430 15.42 11.91 14.70
CA GLU B 430 14.28 11.49 15.49
C GLU B 430 14.02 10.00 15.30
N SER B 431 14.29 9.47 14.10
CA SER B 431 14.18 8.02 13.89
C SER B 431 15.10 7.24 14.82
N TYR B 432 16.26 7.81 15.17
CA TYR B 432 17.18 7.16 16.09
C TYR B 432 16.55 6.97 17.46
N TYR B 433 15.97 8.04 18.03
CA TYR B 433 15.35 7.94 19.35
C TYR B 433 14.10 7.09 19.29
N TRP B 434 13.41 7.10 18.15
CA TRP B 434 12.30 6.18 17.92
C TRP B 434 12.79 4.75 17.90
N TYR B 435 13.88 4.46 17.18
CA TYR B 435 14.40 3.09 17.14
C TYR B 435 14.90 2.64 18.50
N ARG B 436 15.61 3.53 19.22
CA ARG B 436 16.10 3.24 20.57
C ARG B 436 15.00 2.68 21.44
N LYS B 437 13.79 3.24 21.33
CA LYS B 437 12.65 2.78 22.12
C LYS B 437 12.19 1.38 21.71
N VAL B 438 12.06 1.14 20.39
CA VAL B 438 11.53 -0.16 19.95
C VAL B 438 12.47 -1.29 20.35
N VAL B 439 13.77 -1.13 20.10
CA VAL B 439 14.74 -2.19 20.38
C VAL B 439 14.89 -2.39 21.88
N GLY B 440 14.87 -1.31 22.66
CA GLY B 440 14.98 -1.45 24.10
C GLY B 440 13.77 -2.13 24.71
N ASN B 441 12.59 -1.89 24.14
CA ASN B 441 11.37 -2.48 24.66
C ASN B 441 11.13 -3.86 24.07
N ASN B 442 11.52 -4.08 22.81
CA ASN B 442 11.32 -5.34 22.08
C ASN B 442 9.86 -5.56 21.72
N TRP B 443 9.12 -4.47 21.57
CA TRP B 443 7.77 -4.47 21.04
C TRP B 443 7.52 -3.13 20.37
N LEU B 444 6.59 -3.13 19.42
CA LEU B 444 6.22 -1.96 18.63
C LEU B 444 4.76 -1.61 18.89
N GLU B 445 4.43 -0.32 18.84
CA GLU B 445 3.05 0.16 18.93
C GLU B 445 2.77 1.10 17.75
N THR B 446 1.75 0.75 16.95
CA THR B 446 1.37 1.58 15.77
C THR B 446 0.74 2.89 16.24
N ARG B 447 1.11 4.00 15.61
CA ARG B 447 0.57 5.34 15.98
C ARG B 447 0.50 6.23 14.72
N ARG B 448 0.21 7.52 14.89
CA ARG B 448 0.12 8.47 13.76
C ARG B 448 -0.79 7.89 12.67
#